data_1Y2D
#
_entry.id   1Y2D
#
_cell.length_a   60.804
_cell.length_b   79.146
_cell.length_c   164.617
_cell.angle_alpha   90.00
_cell.angle_beta   90.00
_cell.angle_gamma   90.00
#
_symmetry.space_group_name_H-M   'P 21 21 21'
#
loop_
_entity.id
_entity.type
_entity.pdbx_description
1 polymer "cAMP-specific 3',5'-cyclic phosphodiesterase 4D"
2 non-polymer 'ZINC ION'
3 non-polymer 'MAGNESIUM ION'
4 non-polymer '1-(4-METHOXYPHENYL)-3,5-DIMETHYL-1H-PYRAZOLE-4-CARBOXYLIC ACID ETHYL ESTER'
5 non-polymer 1,2-ETHANEDIOL
6 non-polymer 2-[3-(2-HYDROXY-1,1-DIHYDROXYMETHYL-ETHYLAMINO)-PROPYLAMINO]-2-HYDROXYMETHYL-PROPANE-1,3-DIOL
7 water water
#
_entity_poly.entity_id   1
_entity_poly.type   'polypeptide(L)'
_entity_poly.pdbx_seq_one_letter_code
;MGSSHHHHHHSSGLVPRGSHMTEQEDVLAKELEDVNKWGLHVFRIAELSGNRPLTVIMHTIFQERDLLKTFKIPVDTLIT
YLMTLEDHYHADVAYHNNIHAADVVQSTHVLLSTPALEAVFTDLEILAAIFASAIHDVDHPGVSNQFLINTNSELALMYN
DSSVLENHHLAVGFKLLQEENCDIFQNLTKKQRQSLRKMVIDIVLATDMSKHMNLLADLKTMVETKKVTSSGVLLLDNYS
DRIQVLQNMVHCADLSNPTKPLQLYRQWTDRIMEEFFRQGDRERERGMEISPMCDKHNASVEKSQVGFIDYIVHPLWETW
ADLVHPDAQDILDTLEDNREWYQSTIPQS
;
_entity_poly.pdbx_strand_id   A,B
#
loop_
_chem_comp.id
_chem_comp.type
_chem_comp.name
_chem_comp.formula
4DE non-polymer '1-(4-METHOXYPHENYL)-3,5-DIMETHYL-1H-PYRAZOLE-4-CARBOXYLIC ACID ETHYL ESTER' 'C15 H18 N2 O3'
B3P non-polymer 2-[3-(2-HYDROXY-1,1-DIHYDROXYMETHYL-ETHYLAMINO)-PROPYLAMINO]-2-HYDROXYMETHYL-PROPANE-1,3-DIOL 'C11 H26 N2 O6'
EDO non-polymer 1,2-ETHANEDIOL 'C2 H6 O2'
MG non-polymer 'MAGNESIUM ION' 'Mg 2'
ZN non-polymer 'ZINC ION' 'Zn 2'
#
# COMPACT_ATOMS: atom_id res chain seq x y z
N THR A 22 9.27 -27.49 -38.49
CA THR A 22 7.86 -27.37 -38.97
C THR A 22 7.62 -25.99 -39.58
N GLU A 23 6.65 -25.91 -40.49
CA GLU A 23 6.25 -24.66 -41.13
C GLU A 23 5.79 -23.66 -40.08
N GLN A 24 5.07 -24.15 -39.07
CA GLN A 24 4.56 -23.32 -37.97
C GLN A 24 5.71 -22.65 -37.21
N GLU A 25 6.74 -23.42 -36.88
CA GLU A 25 7.92 -22.90 -36.16
C GLU A 25 8.60 -21.83 -37.02
N ASP A 26 8.64 -22.08 -38.34
CA ASP A 26 9.25 -21.15 -39.30
C ASP A 26 8.49 -19.85 -39.40
N VAL A 27 7.16 -19.92 -39.47
CA VAL A 27 6.33 -18.72 -39.59
C VAL A 27 6.41 -17.92 -38.28
N LEU A 28 6.48 -18.61 -37.14
CA LEU A 28 6.61 -17.94 -35.85
C LEU A 28 7.91 -17.12 -35.81
N ALA A 29 9.00 -17.74 -36.23
CA ALA A 29 10.31 -17.06 -36.27
C ALA A 29 10.25 -15.81 -37.12
N LYS A 30 9.57 -15.88 -38.27
CA LYS A 30 9.41 -14.74 -39.17
C LYS A 30 8.61 -13.61 -38.52
N GLU A 31 7.51 -13.95 -37.85
CA GLU A 31 6.72 -12.92 -37.17
C GLU A 31 7.55 -12.24 -36.08
N LEU A 32 8.37 -13.01 -35.38
CA LEU A 32 9.20 -12.47 -34.28
C LEU A 32 10.30 -11.53 -34.76
N GLU A 33 10.56 -11.52 -36.07
CA GLU A 33 11.54 -10.59 -36.65
C GLU A 33 11.06 -9.14 -36.52
N ASP A 34 9.74 -8.93 -36.33
CA ASP A 34 9.17 -7.59 -36.12
C ASP A 34 9.10 -7.19 -34.64
N VAL A 35 9.83 -7.86 -33.76
CA VAL A 35 9.74 -7.56 -32.33
C VAL A 35 10.17 -6.12 -31.98
N ASN A 36 10.95 -5.49 -32.84
CA ASN A 36 11.37 -4.11 -32.60
C ASN A 36 10.41 -3.08 -33.19
N LYS A 37 9.28 -3.54 -33.73
CA LYS A 37 8.33 -2.66 -34.41
C LYS A 37 6.99 -2.47 -33.71
N TRP A 38 6.48 -1.25 -33.76
CA TRP A 38 5.16 -0.95 -33.22
C TRP A 38 4.18 -1.65 -34.15
N GLY A 39 3.25 -2.41 -33.61
CA GLY A 39 2.29 -3.11 -34.44
C GLY A 39 2.60 -4.58 -34.71
N LEU A 40 3.50 -5.15 -33.93
CA LEU A 40 3.77 -6.58 -34.02
C LEU A 40 2.44 -7.36 -34.05
N HIS A 41 2.37 -8.42 -34.85
CA HIS A 41 1.14 -9.26 -34.95
C HIS A 41 1.07 -10.21 -33.75
N VAL A 42 0.76 -9.66 -32.58
CA VAL A 42 0.77 -10.39 -31.31
C VAL A 42 -0.26 -11.53 -31.20
N PHE A 43 -1.41 -11.36 -31.85
CA PHE A 43 -2.42 -12.42 -31.85
C PHE A 43 -1.94 -13.59 -32.71
N ARG A 44 -1.30 -13.31 -33.84
CA ARG A 44 -0.77 -14.37 -34.69
C ARG A 44 0.32 -15.13 -33.92
N ILE A 45 1.17 -14.39 -33.22
CA ILE A 45 2.20 -15.03 -32.40
C ILE A 45 1.58 -15.92 -31.33
N ALA A 46 0.49 -15.48 -30.69
CA ALA A 46 -0.17 -16.30 -29.67
C ALA A 46 -0.65 -17.63 -30.26
N GLU A 47 -1.21 -17.57 -31.47
CA GLU A 47 -1.69 -18.75 -32.18
C GLU A 47 -0.57 -19.70 -32.55
N LEU A 48 0.46 -19.17 -33.20
CA LEU A 48 1.58 -19.97 -33.70
C LEU A 48 2.42 -20.60 -32.59
N SER A 49 2.40 -20.01 -31.40
CA SER A 49 3.20 -20.50 -30.27
C SER A 49 2.46 -21.45 -29.34
N GLY A 50 1.21 -21.80 -29.68
CA GLY A 50 0.40 -22.69 -28.84
C GLY A 50 -0.02 -21.98 -27.56
N ASN A 51 -0.42 -20.72 -27.72
CA ASN A 51 -0.79 -19.84 -26.61
C ASN A 51 0.33 -19.56 -25.61
N ARG A 52 1.53 -19.31 -26.13
CA ARG A 52 2.69 -18.91 -25.34
C ARG A 52 3.32 -17.59 -25.81
N PRO A 53 2.52 -16.57 -26.13
CA PRO A 53 3.10 -15.31 -26.60
C PRO A 53 4.00 -14.66 -25.55
N LEU A 54 3.65 -14.75 -24.27
CA LEU A 54 4.48 -14.11 -23.24
C LEU A 54 5.86 -14.73 -23.17
N THR A 55 5.90 -16.06 -23.15
CA THR A 55 7.17 -16.76 -23.08
C THR A 55 8.05 -16.48 -24.29
N VAL A 56 7.48 -16.61 -25.49
CA VAL A 56 8.31 -16.46 -26.70
C VAL A 56 8.73 -14.99 -26.94
N ILE A 57 7.86 -14.03 -26.63
CA ILE A 57 8.20 -12.63 -26.81
C ILE A 57 9.24 -12.20 -25.76
N MET A 58 9.05 -12.57 -24.49
CA MET A 58 10.06 -12.27 -23.46
C MET A 58 11.41 -12.90 -23.81
N HIS A 59 11.43 -14.17 -24.19
CA HIS A 59 12.67 -14.82 -24.58
C HIS A 59 13.36 -14.07 -25.72
N THR A 60 12.60 -13.72 -26.75
CA THR A 60 13.13 -13.00 -27.91
C THR A 60 13.74 -11.67 -27.49
N ILE A 61 13.06 -10.93 -26.63
CA ILE A 61 13.53 -9.61 -26.19
C ILE A 61 14.77 -9.73 -25.30
N PHE A 62 14.80 -10.73 -24.42
CA PHE A 62 15.96 -10.97 -23.57
C PHE A 62 17.20 -11.30 -24.41
N GLN A 63 17.02 -12.06 -25.49
CA GLN A 63 18.14 -12.40 -26.38
C GLN A 63 18.57 -11.16 -27.18
N GLU A 64 17.60 -10.39 -27.69
CA GLU A 64 17.89 -9.17 -28.47
C GLU A 64 18.68 -8.12 -27.66
N ARG A 65 18.35 -7.98 -26.38
CA ARG A 65 19.01 -7.01 -25.51
C ARG A 65 20.22 -7.61 -24.76
N ASP A 66 20.56 -8.86 -25.06
CA ASP A 66 21.68 -9.57 -24.42
C ASP A 66 21.54 -9.65 -22.87
N LEU A 67 20.31 -9.72 -22.38
CA LEU A 67 20.07 -9.75 -20.95
C LEU A 67 20.47 -11.03 -20.23
N LEU A 68 20.48 -12.17 -20.93
CA LEU A 68 20.87 -13.42 -20.26
C LEU A 68 22.37 -13.37 -19.94
N LYS A 69 23.18 -12.89 -20.88
CA LYS A 69 24.61 -12.79 -20.65
C LYS A 69 24.94 -11.72 -19.61
N THR A 70 24.34 -10.55 -19.77
CA THR A 70 24.58 -9.44 -18.85
C THR A 70 24.30 -9.82 -17.39
N PHE A 71 23.17 -10.49 -17.13
CA PHE A 71 22.78 -10.84 -15.76
C PHE A 71 22.97 -12.32 -15.38
N LYS A 72 23.72 -13.04 -16.22
CA LYS A 72 24.01 -14.46 -16.00
C LYS A 72 22.76 -15.28 -15.67
N ILE A 73 21.73 -15.10 -16.48
CA ILE A 73 20.47 -15.84 -16.31
C ILE A 73 20.54 -17.14 -17.11
N PRO A 74 20.47 -18.30 -16.45
CA PRO A 74 20.49 -19.56 -17.19
C PRO A 74 19.25 -19.63 -18.08
N VAL A 75 19.41 -20.04 -19.33
CA VAL A 75 18.30 -20.06 -20.27
C VAL A 75 17.12 -20.94 -19.80
N ASP A 76 17.43 -22.11 -19.26
CA ASP A 76 16.39 -23.02 -18.76
C ASP A 76 15.59 -22.39 -17.61
N THR A 77 16.28 -21.63 -16.75
CA THR A 77 15.65 -20.91 -15.64
C THR A 77 14.68 -19.83 -16.15
N LEU A 78 15.09 -19.09 -17.15
CA LEU A 78 14.24 -18.05 -17.73
C LEU A 78 12.99 -18.68 -18.32
N ILE A 79 13.15 -19.73 -19.13
CA ILE A 79 11.99 -20.36 -19.76
C ILE A 79 11.04 -20.97 -18.73
N THR A 80 11.60 -21.58 -17.69
CA THR A 80 10.80 -22.18 -16.63
C THR A 80 9.98 -21.09 -15.91
N TYR A 81 10.60 -19.98 -15.56
CA TYR A 81 9.89 -18.89 -14.90
C TYR A 81 8.81 -18.32 -15.81
N LEU A 82 9.15 -18.09 -17.07
CA LEU A 82 8.21 -17.48 -18.00
C LEU A 82 6.99 -18.35 -18.21
N MET A 83 7.20 -19.65 -18.39
CA MET A 83 6.07 -20.56 -18.58
C MET A 83 5.17 -20.60 -17.34
N THR A 84 5.78 -20.58 -16.16
CA THR A 84 5.03 -20.56 -14.88
C THR A 84 4.26 -19.25 -14.75
N LEU A 85 4.91 -18.14 -15.04
CA LEU A 85 4.24 -16.84 -14.99
C LEU A 85 3.05 -16.79 -15.96
N GLU A 86 3.28 -17.27 -17.17
CA GLU A 86 2.25 -17.26 -18.22
C GLU A 86 1.07 -18.12 -17.81
N ASP A 87 1.34 -19.25 -17.14
CA ASP A 87 0.30 -20.16 -16.65
C ASP A 87 -0.60 -19.49 -15.59
N HIS A 88 -0.11 -18.43 -14.94
CA HIS A 88 -0.86 -17.72 -13.92
C HIS A 88 -1.73 -16.55 -14.44
N TYR A 89 -1.71 -16.36 -15.76
CA TYR A 89 -2.67 -15.48 -16.44
C TYR A 89 -3.81 -16.43 -16.80
N HIS A 90 -5.04 -15.95 -16.67
CA HIS A 90 -6.22 -16.78 -16.88
C HIS A 90 -6.60 -16.86 -18.36
N ALA A 91 -6.69 -18.09 -18.87
CA ALA A 91 -7.06 -18.31 -20.27
C ALA A 91 -8.55 -17.98 -20.57
N ASP A 92 -9.38 -17.92 -19.54
CA ASP A 92 -10.79 -17.58 -19.75
C ASP A 92 -11.13 -16.09 -19.51
N VAL A 93 -10.12 -15.24 -19.33
CA VAL A 93 -10.31 -13.79 -19.20
C VAL A 93 -10.01 -13.22 -20.60
N ALA A 94 -10.96 -12.52 -21.20
CA ALA A 94 -10.82 -12.09 -22.60
C ALA A 94 -9.77 -11.04 -22.87
N TYR A 95 -9.57 -10.11 -21.95
CA TYR A 95 -8.58 -9.04 -22.18
C TYR A 95 -7.34 -9.15 -21.28
N HIS A 96 -7.53 -9.19 -19.97
CA HIS A 96 -6.39 -9.21 -19.03
C HIS A 96 -5.79 -10.60 -18.89
N ASN A 97 -5.17 -11.05 -19.98
CA ASN A 97 -4.57 -12.37 -20.06
C ASN A 97 -3.11 -12.26 -20.54
N ASN A 98 -2.54 -13.41 -20.86
CA ASN A 98 -1.15 -13.49 -21.34
C ASN A 98 -0.83 -12.76 -22.63
N ILE A 99 -1.84 -12.60 -23.49
CA ILE A 99 -1.68 -11.85 -24.72
C ILE A 99 -1.48 -10.38 -24.41
N HIS A 100 -2.29 -9.83 -23.48
CA HIS A 100 -2.13 -8.44 -23.03
C HIS A 100 -0.76 -8.22 -22.39
N ALA A 101 -0.34 -9.18 -21.57
CA ALA A 101 0.97 -9.09 -20.91
C ALA A 101 2.08 -9.05 -21.96
N ALA A 102 2.02 -9.95 -22.94
CA ALA A 102 3.01 -10.01 -24.00
C ALA A 102 3.06 -8.69 -24.79
N ASP A 103 1.88 -8.14 -25.06
CA ASP A 103 1.73 -6.86 -25.77
C ASP A 103 2.36 -5.69 -24.99
N VAL A 104 2.11 -5.62 -23.69
CA VAL A 104 2.67 -4.55 -22.88
C VAL A 104 4.20 -4.69 -22.81
N VAL A 105 4.71 -5.92 -22.65
CA VAL A 105 6.15 -6.16 -22.68
C VAL A 105 6.78 -5.65 -23.98
N GLN A 106 6.20 -6.01 -25.12
CA GLN A 106 6.79 -5.67 -26.42
C GLN A 106 6.69 -4.17 -26.71
N SER A 107 5.61 -3.57 -26.25
CA SER A 107 5.41 -2.12 -26.38
C SER A 107 6.43 -1.34 -25.54
N THR A 108 6.67 -1.79 -24.30
CA THR A 108 7.70 -1.19 -23.46
C THR A 108 9.07 -1.32 -24.12
N HIS A 109 9.35 -2.49 -24.66
CA HIS A 109 10.60 -2.76 -25.35
C HIS A 109 10.82 -1.79 -26.50
N VAL A 110 9.78 -1.49 -27.28
CA VAL A 110 9.93 -0.49 -28.34
C VAL A 110 10.13 0.93 -27.76
N LEU A 111 9.37 1.30 -26.73
CA LEU A 111 9.51 2.64 -26.12
C LEU A 111 10.90 2.87 -25.51
N LEU A 112 11.51 1.81 -24.99
CA LEU A 112 12.86 1.92 -24.44
C LEU A 112 13.91 2.24 -25.49
N SER A 113 13.62 1.90 -26.75
CA SER A 113 14.55 2.14 -27.87
C SER A 113 14.38 3.50 -28.56
N THR A 114 13.50 4.35 -28.01
CA THR A 114 13.24 5.68 -28.55
C THR A 114 14.57 6.45 -28.62
N PRO A 115 14.90 7.09 -29.74
CA PRO A 115 16.18 7.84 -29.82
C PRO A 115 16.43 8.85 -28.70
N ALA A 116 15.39 9.53 -28.21
CA ALA A 116 15.51 10.48 -27.10
C ALA A 116 15.90 9.83 -25.77
N LEU A 117 15.77 8.52 -25.67
CA LEU A 117 16.16 7.78 -24.47
C LEU A 117 17.43 6.95 -24.67
N GLU A 118 18.16 7.24 -25.74
CA GLU A 118 19.36 6.49 -26.07
C GLU A 118 20.38 6.58 -24.95
N ALA A 119 20.74 5.41 -24.42
CA ALA A 119 21.74 5.29 -23.35
C ALA A 119 21.35 5.98 -22.04
N VAL A 120 20.07 6.30 -21.87
CA VAL A 120 19.59 6.97 -20.67
C VAL A 120 19.47 5.97 -19.49
N PHE A 121 18.84 4.83 -19.72
CA PHE A 121 18.66 3.82 -18.67
C PHE A 121 19.72 2.72 -18.65
N THR A 122 20.07 2.28 -17.44
CA THR A 122 21.03 1.20 -17.24
C THR A 122 20.39 -0.13 -17.60
N ASP A 123 21.21 -1.17 -17.72
CA ASP A 123 20.70 -2.50 -18.01
C ASP A 123 19.75 -3.01 -16.92
N LEU A 124 20.01 -2.63 -15.66
CA LEU A 124 19.13 -3.04 -14.54
C LEU A 124 17.77 -2.35 -14.62
N GLU A 125 17.76 -1.09 -15.00
CA GLU A 125 16.53 -0.33 -15.17
C GLU A 125 15.72 -0.88 -16.36
N ILE A 126 16.40 -1.30 -17.43
CA ILE A 126 15.76 -1.89 -18.60
C ILE A 126 15.10 -3.22 -18.19
N LEU A 127 15.86 -4.00 -17.42
CA LEU A 127 15.40 -5.30 -16.90
C LEU A 127 14.16 -5.11 -16.03
N ALA A 128 14.19 -4.08 -15.18
CA ALA A 128 13.07 -3.78 -14.28
C ALA A 128 11.81 -3.43 -15.06
N ALA A 129 11.95 -2.56 -16.06
CA ALA A 129 10.80 -2.12 -16.84
C ALA A 129 10.14 -3.26 -17.63
N ILE A 130 10.96 -4.12 -18.20
CA ILE A 130 10.48 -5.29 -18.96
C ILE A 130 9.84 -6.35 -18.05
N PHE A 131 10.51 -6.68 -16.94
CA PHE A 131 9.95 -7.62 -15.97
C PHE A 131 8.63 -7.09 -15.38
N ALA A 132 8.57 -5.80 -15.05
CA ALA A 132 7.34 -5.20 -14.51
C ALA A 132 6.23 -5.35 -15.50
N SER A 133 6.53 -5.10 -16.78
CA SER A 133 5.52 -5.24 -17.83
C SER A 133 5.00 -6.69 -17.93
N ALA A 134 5.91 -7.66 -17.81
CA ALA A 134 5.53 -9.08 -17.91
C ALA A 134 4.55 -9.52 -16.79
N ILE A 135 4.81 -9.07 -15.56
CA ILE A 135 4.00 -9.47 -14.41
C ILE A 135 2.85 -8.54 -14.08
N HIS A 136 2.72 -7.44 -14.81
CA HIS A 136 1.85 -6.35 -14.34
C HIS A 136 0.36 -6.62 -14.14
N ASP A 137 -0.17 -7.67 -14.77
CA ASP A 137 -1.58 -8.07 -14.62
C ASP A 137 -1.74 -9.54 -14.27
N VAL A 138 -0.69 -10.20 -13.79
CA VAL A 138 -0.78 -11.64 -13.54
C VAL A 138 -1.89 -11.99 -12.51
N ASP A 139 -2.58 -13.08 -12.79
CA ASP A 139 -3.69 -13.57 -11.96
C ASP A 139 -4.87 -12.57 -11.90
N HIS A 140 -5.04 -11.77 -12.95
CA HIS A 140 -6.18 -10.84 -13.05
C HIS A 140 -7.48 -11.67 -13.16
N PRO A 141 -8.46 -11.41 -12.29
CA PRO A 141 -9.73 -12.16 -12.33
C PRO A 141 -10.78 -11.65 -13.33
N GLY A 142 -10.49 -10.57 -14.04
CA GLY A 142 -11.39 -10.02 -15.03
C GLY A 142 -12.44 -9.05 -14.50
N VAL A 143 -12.25 -8.57 -13.28
CA VAL A 143 -13.11 -7.54 -12.68
C VAL A 143 -12.26 -6.43 -12.10
N SER A 144 -12.85 -5.26 -11.96
CA SER A 144 -12.14 -4.06 -11.54
C SER A 144 -11.92 -3.97 -10.02
N ASN A 145 -11.01 -3.06 -9.65
CA ASN A 145 -10.73 -2.76 -8.24
C ASN A 145 -12.02 -2.36 -7.55
N GLN A 146 -12.82 -1.48 -8.18
CA GLN A 146 -14.07 -1.04 -7.57
C GLN A 146 -15.05 -2.19 -7.36
N PHE A 147 -15.11 -3.15 -8.29
CA PHE A 147 -15.96 -4.32 -8.13
C PHE A 147 -15.49 -5.12 -6.90
N LEU A 148 -14.18 -5.33 -6.78
CA LEU A 148 -13.60 -6.10 -5.66
C LEU A 148 -13.87 -5.44 -4.30
N ILE A 149 -13.86 -4.11 -4.28
CA ILE A 149 -14.15 -3.34 -3.08
C ILE A 149 -15.64 -3.44 -2.73
N ASN A 150 -16.49 -3.26 -3.73
CA ASN A 150 -17.94 -3.25 -3.55
C ASN A 150 -18.55 -4.59 -3.17
N THR A 151 -17.88 -5.68 -3.53
CA THR A 151 -18.35 -7.04 -3.22
C THR A 151 -17.72 -7.59 -1.96
N ASN A 152 -17.01 -6.75 -1.23
CA ASN A 152 -16.37 -7.15 0.03
C ASN A 152 -15.49 -8.39 -0.16
N SER A 153 -14.70 -8.36 -1.23
CA SER A 153 -13.84 -9.47 -1.62
C SER A 153 -12.67 -9.67 -0.68
N GLU A 154 -12.14 -10.90 -0.68
CA GLU A 154 -10.96 -11.23 0.12
C GLU A 154 -9.75 -10.38 -0.32
N LEU A 155 -9.63 -10.09 -1.62
CA LEU A 155 -8.51 -9.28 -2.10
C LEU A 155 -8.59 -7.85 -1.56
N ALA A 156 -9.78 -7.27 -1.52
CA ALA A 156 -9.93 -5.88 -1.06
C ALA A 156 -9.71 -5.81 0.45
N LEU A 157 -10.07 -6.89 1.15
CA LEU A 157 -9.84 -7.02 2.59
C LEU A 157 -8.34 -7.13 2.87
N MET A 158 -7.63 -7.89 2.05
CA MET A 158 -6.18 -8.10 2.26
C MET A 158 -5.45 -6.78 2.05
N TYR A 159 -5.87 -6.02 1.05
CA TYR A 159 -5.13 -4.81 0.62
C TYR A 159 -5.73 -3.47 1.00
N ASN A 160 -6.71 -3.49 1.89
CA ASN A 160 -7.27 -2.27 2.47
C ASN A 160 -7.75 -1.26 1.41
N ASP A 161 -8.39 -1.82 0.39
CA ASP A 161 -9.02 -1.10 -0.72
C ASP A 161 -8.12 -0.24 -1.59
N SER A 162 -6.80 -0.32 -1.45
CA SER A 162 -5.92 0.53 -2.25
C SER A 162 -5.02 -0.28 -3.18
N SER A 163 -5.10 0.07 -4.46
CA SER A 163 -4.38 -0.62 -5.55
C SER A 163 -4.49 -2.13 -5.30
N VAL A 164 -5.73 -2.60 -5.15
CA VAL A 164 -5.99 -4.00 -4.77
C VAL A 164 -5.38 -5.00 -5.77
N LEU A 165 -5.77 -4.88 -7.04
CA LEU A 165 -5.25 -5.76 -8.07
C LEU A 165 -3.74 -5.63 -8.26
N GLU A 166 -3.27 -4.39 -8.28
CA GLU A 166 -1.87 -4.12 -8.59
C GLU A 166 -0.92 -4.66 -7.51
N ASN A 167 -1.32 -4.58 -6.25
CA ASN A 167 -0.54 -5.21 -5.18
C ASN A 167 -0.50 -6.72 -5.37
N HIS A 168 -1.64 -7.31 -5.73
CA HIS A 168 -1.74 -8.73 -5.95
C HIS A 168 -0.89 -9.19 -7.13
N HIS A 169 -0.91 -8.44 -8.24
CA HIS A 169 -0.10 -8.80 -9.43
C HIS A 169 1.40 -8.90 -9.03
N LEU A 170 1.87 -7.89 -8.28
CA LEU A 170 3.24 -7.87 -7.78
C LEU A 170 3.55 -9.08 -6.88
N ALA A 171 2.67 -9.35 -5.91
CA ALA A 171 2.89 -10.44 -4.98
C ALA A 171 3.04 -11.77 -5.72
N VAL A 172 2.16 -12.03 -6.68
CA VAL A 172 2.23 -13.28 -7.45
C VAL A 172 3.48 -13.33 -8.35
N GLY A 173 3.81 -12.23 -9.04
CA GLY A 173 4.98 -12.19 -9.91
C GLY A 173 6.28 -12.47 -9.17
N PHE A 174 6.44 -11.89 -7.99
CA PHE A 174 7.61 -12.11 -7.16
C PHE A 174 7.60 -13.49 -6.49
N LYS A 175 6.43 -13.93 -6.04
CA LYS A 175 6.36 -15.23 -5.36
C LYS A 175 6.77 -16.37 -6.28
N LEU A 176 6.44 -16.25 -7.57
CA LEU A 176 6.75 -17.32 -8.55
C LEU A 176 8.25 -17.52 -8.78
N LEU A 177 9.06 -16.51 -8.44
CA LEU A 177 10.53 -16.64 -8.53
C LEU A 177 11.08 -17.70 -7.59
N GLN A 178 10.29 -18.05 -6.57
CA GLN A 178 10.68 -19.04 -5.57
C GLN A 178 10.38 -20.48 -5.96
N GLU A 179 9.63 -20.69 -7.05
CA GLU A 179 9.34 -22.05 -7.50
C GLU A 179 10.65 -22.67 -8.03
N GLU A 180 10.66 -23.99 -8.16
CA GLU A 180 11.86 -24.72 -8.57
C GLU A 180 12.41 -24.25 -9.93
N ASN A 181 13.70 -23.91 -9.93
CA ASN A 181 14.39 -23.40 -11.11
C ASN A 181 13.72 -22.19 -11.77
N CYS A 182 13.19 -21.28 -10.96
CA CYS A 182 12.53 -20.08 -11.46
C CYS A 182 13.21 -18.77 -11.07
N ASP A 183 14.28 -18.80 -10.26
CA ASP A 183 14.89 -17.53 -9.85
C ASP A 183 15.82 -16.98 -10.91
N ILE A 184 15.24 -16.20 -11.82
CA ILE A 184 16.00 -15.59 -12.90
C ILE A 184 17.00 -14.53 -12.42
N PHE A 185 16.85 -14.07 -11.18
CA PHE A 185 17.71 -13.03 -10.62
C PHE A 185 18.77 -13.61 -9.67
N GLN A 186 18.95 -14.94 -9.70
CA GLN A 186 19.85 -15.62 -8.77
C GLN A 186 21.29 -15.11 -8.75
N ASN A 187 21.77 -14.60 -9.88
CA ASN A 187 23.14 -14.11 -10.00
C ASN A 187 23.31 -12.59 -9.94
N LEU A 188 22.24 -11.88 -9.60
CA LEU A 188 22.32 -10.45 -9.33
C LEU A 188 22.91 -10.30 -7.93
N THR A 189 23.56 -9.18 -7.64
CA THR A 189 24.07 -8.91 -6.30
C THR A 189 22.87 -8.59 -5.42
N LYS A 190 23.05 -8.63 -4.11
CA LYS A 190 21.99 -8.28 -3.19
C LYS A 190 21.50 -6.86 -3.43
N LYS A 191 22.42 -5.94 -3.70
CA LYS A 191 22.05 -4.54 -3.97
C LYS A 191 21.24 -4.41 -5.27
N GLN A 192 21.65 -5.15 -6.29
CA GLN A 192 20.93 -5.14 -7.56
C GLN A 192 19.51 -5.69 -7.36
N ARG A 193 19.41 -6.77 -6.60
CA ARG A 193 18.12 -7.40 -6.32
C ARG A 193 17.18 -6.44 -5.60
N GLN A 194 17.71 -5.72 -4.62
CA GLN A 194 16.92 -4.76 -3.86
C GLN A 194 16.45 -3.60 -4.76
N SER A 195 17.36 -3.06 -5.58
CA SER A 195 17.04 -1.95 -6.48
C SER A 195 15.98 -2.37 -7.52
N LEU A 196 16.18 -3.54 -8.13
CA LEU A 196 15.23 -4.04 -9.11
C LEU A 196 13.85 -4.22 -8.48
N ARG A 197 13.78 -4.80 -7.28
CA ARG A 197 12.49 -5.03 -6.60
C ARG A 197 11.74 -3.73 -6.36
N LYS A 198 12.47 -2.72 -5.86
CA LYS A 198 11.87 -1.41 -5.58
C LYS A 198 11.32 -0.78 -6.86
N MET A 199 12.13 -0.79 -7.91
CA MET A 199 11.70 -0.24 -9.21
C MET A 199 10.44 -0.94 -9.77
N VAL A 200 10.41 -2.27 -9.72
CA VAL A 200 9.27 -3.05 -10.25
C VAL A 200 8.00 -2.71 -9.49
N ILE A 201 8.09 -2.66 -8.17
CA ILE A 201 6.96 -2.28 -7.34
C ILE A 201 6.49 -0.88 -7.70
N ASP A 202 7.41 0.09 -7.78
CA ASP A 202 7.02 1.47 -8.13
C ASP A 202 6.33 1.53 -9.50
N ILE A 203 6.81 0.75 -10.47
CA ILE A 203 6.22 0.73 -11.80
C ILE A 203 4.82 0.09 -11.83
N VAL A 204 4.67 -1.12 -11.29
CA VAL A 204 3.36 -1.79 -11.32
C VAL A 204 2.29 -1.04 -10.52
N LEU A 205 2.64 -0.49 -9.36
CA LEU A 205 1.65 0.28 -8.60
C LEU A 205 1.14 1.51 -9.40
N ALA A 206 2.01 2.06 -10.25
CA ALA A 206 1.65 3.21 -11.09
C ALA A 206 0.70 2.84 -12.26
N THR A 207 0.44 1.55 -12.50
CA THR A 207 -0.53 1.12 -13.52
C THR A 207 -1.97 1.14 -13.03
N ASP A 208 -2.20 1.38 -11.74
CA ASP A 208 -3.54 1.56 -11.17
C ASP A 208 -4.12 2.85 -11.79
N MET A 209 -5.28 2.75 -12.46
CA MET A 209 -5.84 3.91 -13.15
C MET A 209 -6.20 5.08 -12.24
N SER A 210 -6.36 4.81 -10.95
CA SER A 210 -6.69 5.86 -10.00
C SER A 210 -5.53 6.88 -9.85
N LYS A 211 -4.32 6.49 -10.27
CA LYS A 211 -3.11 7.30 -10.23
C LYS A 211 -2.79 8.02 -11.54
N HIS A 212 -3.57 7.77 -12.57
CA HIS A 212 -3.36 8.36 -13.92
C HIS A 212 -3.27 9.89 -13.92
N MET A 213 -4.25 10.56 -13.32
CA MET A 213 -4.25 12.04 -13.34
C MET A 213 -3.01 12.64 -12.70
N ASN A 214 -2.58 12.09 -11.55
CA ASN A 214 -1.39 12.58 -10.89
C ASN A 214 -0.10 12.25 -11.67
N LEU A 215 -0.02 11.07 -12.27
CA LEU A 215 1.14 10.71 -13.09
C LEU A 215 1.29 11.64 -14.28
N LEU A 216 0.17 11.93 -14.94
CA LEU A 216 0.15 12.82 -16.10
C LEU A 216 0.55 14.24 -15.74
N ALA A 217 0.07 14.73 -14.59
CA ALA A 217 0.39 16.07 -14.13
C ALA A 217 1.90 16.21 -13.91
N ASP A 218 2.51 15.20 -13.29
CA ASP A 218 3.94 15.21 -13.05
C ASP A 218 4.73 15.02 -14.35
N LEU A 219 4.19 14.28 -15.31
CA LEU A 219 4.84 14.13 -16.62
C LEU A 219 4.85 15.49 -17.32
N LYS A 220 3.73 16.21 -17.24
CA LYS A 220 3.64 17.54 -17.86
C LYS A 220 4.65 18.50 -17.24
N THR A 221 4.83 18.42 -15.92
CA THR A 221 5.77 19.28 -15.22
C THR A 221 7.20 18.99 -15.69
N MET A 222 7.53 17.72 -15.89
CA MET A 222 8.84 17.33 -16.39
C MET A 222 9.08 17.84 -17.82
N VAL A 223 8.05 17.76 -18.67
CA VAL A 223 8.16 18.24 -20.05
C VAL A 223 8.48 19.74 -20.09
N GLU A 224 7.90 20.51 -19.19
CA GLU A 224 8.10 21.95 -19.13
C GLU A 224 9.50 22.36 -18.67
N THR A 225 10.10 21.56 -17.79
CA THR A 225 11.43 21.81 -17.21
C THR A 225 12.51 20.89 -17.79
N LYS A 226 12.15 20.21 -18.87
CA LYS A 226 12.97 19.27 -19.64
C LYS A 226 14.40 19.74 -19.91
N LYS A 227 15.37 18.85 -19.71
CA LYS A 227 16.79 19.16 -20.00
C LYS A 227 17.30 18.08 -20.96
N VAL A 228 17.90 18.51 -22.07
CA VAL A 228 18.40 17.58 -23.10
C VAL A 228 19.78 17.97 -23.64
N THR A 229 20.44 17.00 -24.28
CA THR A 229 21.72 17.23 -24.94
C THR A 229 21.40 17.95 -26.24
N SER A 230 22.43 18.27 -27.03
CA SER A 230 22.26 18.92 -28.32
C SER A 230 21.65 17.98 -29.39
N SER A 231 21.52 16.69 -29.07
CA SER A 231 20.89 15.69 -29.95
C SER A 231 19.47 15.36 -29.50
N GLY A 232 19.02 15.99 -28.42
CA GLY A 232 17.68 15.75 -27.90
C GLY A 232 17.53 14.53 -27.01
N VAL A 233 18.64 14.08 -26.42
CA VAL A 233 18.58 12.94 -25.50
C VAL A 233 18.28 13.50 -24.10
N LEU A 234 17.32 12.89 -23.42
CA LEU A 234 16.90 13.32 -22.09
C LEU A 234 17.98 13.11 -21.04
N LEU A 235 18.13 14.09 -20.15
CA LEU A 235 19.09 14.01 -19.05
C LEU A 235 18.31 13.83 -17.75
N LEU A 236 18.41 12.63 -17.17
CA LEU A 236 17.71 12.29 -15.93
C LEU A 236 18.75 11.81 -14.92
N ASP A 237 18.97 12.57 -13.85
CA ASP A 237 19.99 12.17 -12.88
C ASP A 237 19.51 11.44 -11.64
N ASN A 238 18.45 11.94 -10.99
CA ASN A 238 18.04 11.32 -9.74
C ASN A 238 16.96 10.28 -9.92
N TYR A 239 16.81 9.45 -8.91
CA TYR A 239 15.85 8.37 -8.95
C TYR A 239 14.44 8.84 -9.22
N SER A 240 14.02 9.93 -8.56
CA SER A 240 12.66 10.46 -8.71
C SER A 240 12.25 10.71 -10.17
N ASP A 241 13.14 11.35 -10.93
CA ASP A 241 12.86 11.61 -12.33
C ASP A 241 12.97 10.36 -13.18
N ARG A 242 13.95 9.51 -12.90
CA ARG A 242 14.12 8.30 -13.72
C ARG A 242 12.93 7.36 -13.57
N ILE A 243 12.52 7.11 -12.32
CA ILE A 243 11.39 6.20 -12.08
C ILE A 243 10.10 6.78 -12.62
N GLN A 244 9.95 8.10 -12.58
CA GLN A 244 8.76 8.74 -13.11
C GLN A 244 8.61 8.49 -14.61
N VAL A 245 9.72 8.56 -15.33
CA VAL A 245 9.71 8.30 -16.78
C VAL A 245 9.41 6.82 -17.06
N LEU A 246 9.97 5.93 -16.26
CA LEU A 246 9.69 4.49 -16.41
C LEU A 246 8.22 4.17 -16.09
N GLN A 247 7.67 4.78 -15.03
CA GLN A 247 6.27 4.58 -14.67
C GLN A 247 5.35 5.01 -15.81
N ASN A 248 5.59 6.20 -16.35
CA ASN A 248 4.77 6.73 -17.43
C ASN A 248 4.98 5.91 -18.71
N MET A 249 6.19 5.37 -18.90
CA MET A 249 6.47 4.54 -20.08
C MET A 249 5.62 3.27 -20.08
N VAL A 250 5.59 2.58 -18.95
CA VAL A 250 4.84 1.32 -18.84
C VAL A 250 3.33 1.63 -18.82
N HIS A 251 2.95 2.78 -18.27
CA HIS A 251 1.55 3.22 -18.27
C HIS A 251 1.09 3.47 -19.73
N CYS A 252 1.95 4.12 -20.52
CA CYS A 252 1.71 4.39 -21.95
C CYS A 252 1.55 3.05 -22.70
N ALA A 253 2.42 2.10 -22.40
CA ALA A 253 2.36 0.76 -23.00
C ALA A 253 1.05 0.03 -22.67
N ASP A 254 0.63 0.12 -21.43
CA ASP A 254 -0.62 -0.46 -20.96
C ASP A 254 -1.82 0.15 -21.71
N LEU A 255 -1.73 1.44 -21.98
CA LEU A 255 -2.78 2.20 -22.69
C LEU A 255 -2.38 2.46 -24.15
N SER A 256 -1.75 1.49 -24.79
CA SER A 256 -1.30 1.65 -26.18
C SER A 256 -2.21 1.08 -27.27
N ASN A 257 -3.26 0.32 -26.88
CA ASN A 257 -4.10 -0.33 -27.90
C ASN A 257 -4.65 0.64 -28.96
N PRO A 258 -5.15 1.82 -28.60
CA PRO A 258 -5.68 2.73 -29.61
C PRO A 258 -4.62 3.38 -30.52
N THR A 259 -3.32 3.20 -30.21
CA THR A 259 -2.24 3.74 -31.04
C THR A 259 -1.67 2.70 -32.01
N LYS A 260 -2.22 1.48 -31.98
CA LYS A 260 -1.77 0.40 -32.85
C LYS A 260 -2.57 0.37 -34.13
N PRO A 261 -2.08 -0.32 -35.17
CA PRO A 261 -2.86 -0.49 -36.40
C PRO A 261 -4.29 -0.90 -36.09
N LEU A 262 -5.23 -0.29 -36.80
CA LEU A 262 -6.65 -0.48 -36.52
C LEU A 262 -7.09 -1.93 -36.35
N GLN A 263 -6.59 -2.84 -37.18
CA GLN A 263 -7.00 -4.25 -37.08
C GLN A 263 -6.68 -4.84 -35.69
N LEU A 264 -5.57 -4.42 -35.10
CA LEU A 264 -5.19 -4.87 -33.77
C LEU A 264 -6.06 -4.21 -32.70
N TYR A 265 -6.21 -2.89 -32.82
CA TYR A 265 -7.01 -2.10 -31.88
C TYR A 265 -8.43 -2.66 -31.79
N ARG A 266 -9.04 -2.95 -32.93
CA ARG A 266 -10.41 -3.47 -32.95
C ARG A 266 -10.51 -4.80 -32.21
N GLN A 267 -9.49 -5.65 -32.34
CA GLN A 267 -9.52 -6.92 -31.61
C GLN A 267 -9.40 -6.68 -30.09
N TRP A 268 -8.57 -5.72 -29.69
CA TRP A 268 -8.44 -5.37 -28.26
C TRP A 268 -9.76 -4.82 -27.73
N THR A 269 -10.47 -4.05 -28.54
CA THR A 269 -11.75 -3.46 -28.13
C THR A 269 -12.81 -4.55 -27.92
N ASP A 270 -12.85 -5.53 -28.81
CA ASP A 270 -13.82 -6.63 -28.70
C ASP A 270 -13.55 -7.41 -27.42
N ARG A 271 -12.28 -7.56 -27.08
CA ARG A 271 -11.88 -8.32 -25.91
C ARG A 271 -12.23 -7.60 -24.61
N ILE A 272 -11.93 -6.30 -24.51
CA ILE A 272 -12.23 -5.59 -23.27
C ILE A 272 -13.73 -5.45 -23.10
N MET A 273 -14.47 -5.28 -24.21
CA MET A 273 -15.92 -5.19 -24.12
C MET A 273 -16.51 -6.53 -23.61
N GLU A 274 -15.97 -7.66 -24.02
CA GLU A 274 -16.44 -8.97 -23.55
C GLU A 274 -16.21 -9.08 -22.03
N GLU A 275 -15.01 -8.71 -21.60
CA GLU A 275 -14.64 -8.77 -20.18
C GLU A 275 -15.54 -7.84 -19.34
N PHE A 276 -15.69 -6.59 -19.79
CA PHE A 276 -16.54 -5.60 -19.12
C PHE A 276 -18.00 -6.10 -19.03
N PHE A 277 -18.55 -6.62 -20.12
CA PHE A 277 -19.93 -7.13 -20.12
C PHE A 277 -20.13 -8.28 -19.14
N ARG A 278 -19.12 -9.13 -18.97
CA ARG A 278 -19.19 -10.22 -18.00
C ARG A 278 -19.21 -9.66 -16.59
N GLN A 279 -18.42 -8.62 -16.32
CA GLN A 279 -18.47 -7.99 -15.00
C GLN A 279 -19.87 -7.39 -14.76
N GLY A 280 -20.42 -6.72 -15.78
CA GLY A 280 -21.72 -6.10 -15.67
C GLY A 280 -22.82 -7.14 -15.44
N ASP A 281 -22.63 -8.33 -16.00
CA ASP A 281 -23.60 -9.43 -15.80
C ASP A 281 -23.61 -9.87 -14.34
N ARG A 282 -22.43 -9.92 -13.74
CA ARG A 282 -22.30 -10.27 -12.32
C ARG A 282 -22.93 -9.17 -11.45
N GLU A 283 -22.67 -7.91 -11.81
CA GLU A 283 -23.26 -6.78 -11.09
C GLU A 283 -24.80 -6.79 -11.16
N ARG A 284 -25.35 -6.97 -12.36
CA ARG A 284 -26.81 -6.99 -12.56
C ARG A 284 -27.51 -8.01 -11.70
N GLU A 285 -26.97 -9.22 -11.66
CA GLU A 285 -27.59 -10.30 -10.90
C GLU A 285 -27.48 -10.15 -9.40
N ARG A 286 -26.45 -9.42 -8.93
CA ARG A 286 -26.25 -9.15 -7.50
C ARG A 286 -27.04 -7.91 -7.07
N GLY A 287 -27.71 -7.25 -8.01
CA GLY A 287 -28.50 -6.06 -7.72
C GLY A 287 -27.67 -4.81 -7.54
N MET A 288 -26.46 -4.83 -8.11
CA MET A 288 -25.55 -3.70 -8.03
C MET A 288 -25.74 -2.78 -9.23
N GLU A 289 -25.35 -1.52 -9.07
CA GLU A 289 -25.37 -0.59 -10.18
C GLU A 289 -24.29 -1.09 -11.14
N ILE A 290 -24.61 -1.11 -12.44
CA ILE A 290 -23.68 -1.61 -13.45
C ILE A 290 -22.64 -0.53 -13.76
N SER A 291 -21.37 -0.91 -13.73
CA SER A 291 -20.27 0.03 -13.97
C SER A 291 -20.30 0.59 -15.39
N PRO A 292 -19.68 1.76 -15.59
CA PRO A 292 -19.60 2.34 -16.94
C PRO A 292 -19.06 1.36 -17.98
N MET A 293 -19.70 1.32 -19.16
CA MET A 293 -19.34 0.43 -20.28
C MET A 293 -19.55 -1.07 -20.02
N CYS A 294 -20.18 -1.44 -18.91
CA CYS A 294 -20.33 -2.85 -18.58
C CYS A 294 -21.72 -3.41 -18.82
N ASP A 295 -22.65 -2.58 -19.29
CA ASP A 295 -24.01 -3.04 -19.55
C ASP A 295 -24.22 -3.38 -21.03
N LYS A 296 -24.21 -4.67 -21.34
CA LYS A 296 -24.39 -5.14 -22.73
C LYS A 296 -25.73 -4.71 -23.37
N HIS A 297 -26.72 -4.37 -22.53
CA HIS A 297 -28.04 -3.92 -23.01
C HIS A 297 -28.18 -2.40 -23.22
N ASN A 298 -27.19 -1.62 -22.78
CA ASN A 298 -27.19 -0.15 -22.92
C ASN A 298 -25.78 0.36 -23.22
N ALA A 299 -25.12 -0.26 -24.20
CA ALA A 299 -23.74 0.07 -24.53
C ALA A 299 -23.62 0.95 -25.78
N SER A 300 -22.54 1.71 -25.86
CA SER A 300 -22.24 2.54 -27.01
C SER A 300 -20.73 2.41 -27.18
N VAL A 301 -20.31 1.28 -27.77
CA VAL A 301 -18.88 0.94 -27.86
C VAL A 301 -18.05 1.98 -28.59
N GLU A 302 -18.58 2.50 -29.69
CA GLU A 302 -17.86 3.45 -30.52
C GLU A 302 -17.69 4.79 -29.84
N LYS A 303 -18.77 5.29 -29.23
CA LYS A 303 -18.73 6.55 -28.48
C LYS A 303 -17.77 6.42 -27.29
N SER A 304 -17.75 5.24 -26.67
CA SER A 304 -16.86 4.98 -25.54
C SER A 304 -15.41 5.03 -25.96
N GLN A 305 -15.09 4.52 -27.16
CA GLN A 305 -13.71 4.58 -27.65
C GLN A 305 -13.29 6.01 -27.90
N VAL A 306 -14.14 6.80 -28.55
CA VAL A 306 -13.82 8.20 -28.82
C VAL A 306 -13.62 8.96 -27.48
N GLY A 307 -14.47 8.68 -26.50
CA GLY A 307 -14.38 9.30 -25.19
C GLY A 307 -13.09 8.92 -24.47
N PHE A 308 -12.73 7.65 -24.52
CA PHE A 308 -11.51 7.11 -23.93
C PHE A 308 -10.26 7.76 -24.55
N ILE A 309 -10.25 7.92 -25.87
CA ILE A 309 -9.12 8.57 -26.53
C ILE A 309 -9.04 10.05 -26.14
N ASP A 310 -10.18 10.73 -26.20
CA ASP A 310 -10.20 12.17 -25.96
C ASP A 310 -9.82 12.59 -24.53
N TYR A 311 -10.26 11.81 -23.56
CA TYR A 311 -10.11 12.15 -22.14
C TYR A 311 -8.92 11.52 -21.42
N ILE A 312 -8.45 10.37 -21.91
CA ILE A 312 -7.35 9.63 -21.27
C ILE A 312 -6.15 9.35 -22.18
N VAL A 313 -6.39 8.65 -23.29
CA VAL A 313 -5.29 8.17 -24.12
C VAL A 313 -4.56 9.27 -24.88
N HIS A 314 -5.28 10.19 -25.53
CA HIS A 314 -4.62 11.27 -26.27
C HIS A 314 -3.87 12.24 -25.36
N PRO A 315 -4.48 12.70 -24.26
CA PRO A 315 -3.74 13.58 -23.32
C PRO A 315 -2.43 12.94 -22.88
N LEU A 316 -2.46 11.65 -22.55
CA LEU A 316 -1.25 10.95 -22.12
C LEU A 316 -0.20 10.85 -23.23
N TRP A 317 -0.59 10.34 -24.40
CA TRP A 317 0.36 10.16 -25.51
C TRP A 317 0.91 11.47 -26.11
N GLU A 318 0.13 12.54 -26.07
CA GLU A 318 0.59 13.84 -26.58
C GLU A 318 1.68 14.38 -25.67
N THR A 319 1.51 14.15 -24.37
CA THR A 319 2.48 14.56 -23.37
C THR A 319 3.76 13.72 -23.52
N TRP A 320 3.62 12.40 -23.67
CA TRP A 320 4.78 11.53 -23.90
C TRP A 320 5.50 11.98 -25.17
N ALA A 321 4.75 12.25 -26.23
CA ALA A 321 5.33 12.69 -27.50
C ALA A 321 6.10 13.99 -27.35
N ASP A 322 5.62 14.89 -26.49
CA ASP A 322 6.34 16.14 -26.20
C ASP A 322 7.67 15.84 -25.49
N LEU A 323 7.67 14.88 -24.56
CA LEU A 323 8.87 14.49 -23.83
C LEU A 323 9.96 13.98 -24.77
N VAL A 324 9.60 13.13 -25.74
CA VAL A 324 10.57 12.52 -26.66
C VAL A 324 10.53 13.09 -28.08
N HIS A 325 9.98 14.30 -28.24
CA HIS A 325 9.80 14.93 -29.55
C HIS A 325 11.03 14.86 -30.45
N PRO A 326 10.91 14.46 -31.72
CA PRO A 326 9.66 14.06 -32.40
C PRO A 326 9.50 12.54 -32.57
N ASP A 327 10.13 11.76 -31.71
CA ASP A 327 10.17 10.30 -31.89
C ASP A 327 8.85 9.56 -31.90
N ALA A 328 7.84 10.08 -31.21
CA ALA A 328 6.54 9.39 -31.09
C ALA A 328 5.50 9.89 -32.09
N GLN A 329 5.93 10.68 -33.07
CA GLN A 329 4.98 11.26 -34.04
C GLN A 329 4.16 10.20 -34.78
N ASP A 330 4.79 9.12 -35.23
CA ASP A 330 4.07 8.06 -35.94
C ASP A 330 3.00 7.37 -35.05
N ILE A 331 3.29 7.26 -33.76
CA ILE A 331 2.33 6.67 -32.81
C ILE A 331 1.13 7.58 -32.64
N LEU A 332 1.39 8.88 -32.47
CA LEU A 332 0.34 9.86 -32.29
C LEU A 332 -0.50 9.97 -33.57
N ASP A 333 0.14 9.82 -34.74
CA ASP A 333 -0.58 9.89 -36.02
C ASP A 333 -1.56 8.71 -36.11
N THR A 334 -1.13 7.53 -35.69
CA THR A 334 -2.00 6.34 -35.74
C THR A 334 -3.18 6.53 -34.80
N LEU A 335 -2.90 7.00 -33.59
CA LEU A 335 -3.96 7.28 -32.62
C LEU A 335 -5.03 8.21 -33.21
N GLU A 336 -4.60 9.31 -33.82
CA GLU A 336 -5.53 10.28 -34.41
C GLU A 336 -6.32 9.65 -35.59
N ASP A 337 -5.66 8.83 -36.40
CA ASP A 337 -6.31 8.11 -37.50
C ASP A 337 -7.41 7.20 -36.96
N ASN A 338 -7.11 6.47 -35.88
CA ASN A 338 -8.09 5.53 -35.31
C ASN A 338 -9.25 6.25 -34.64
N ARG A 339 -8.98 7.40 -34.04
CA ARG A 339 -10.04 8.20 -33.44
C ARG A 339 -11.01 8.68 -34.52
N GLU A 340 -10.45 9.12 -35.65
CA GLU A 340 -11.25 9.59 -36.78
C GLU A 340 -12.13 8.46 -37.34
N TRP A 341 -11.58 7.25 -37.41
CA TRP A 341 -12.32 6.10 -37.91
C TRP A 341 -13.46 5.74 -36.96
N TYR A 342 -13.15 5.61 -35.67
CA TYR A 342 -14.21 5.28 -34.71
C TYR A 342 -15.31 6.34 -34.71
N GLN A 343 -14.94 7.61 -34.82
CA GLN A 343 -15.93 8.69 -34.88
C GLN A 343 -16.82 8.56 -36.11
N SER A 344 -16.25 8.13 -37.24
CA SER A 344 -17.01 7.97 -38.47
C SER A 344 -18.05 6.84 -38.36
N THR A 345 -17.85 5.88 -37.45
CA THR A 345 -18.83 4.81 -37.27
C THR A 345 -20.06 5.25 -36.45
N ILE A 346 -20.02 6.45 -35.89
CA ILE A 346 -21.13 7.00 -35.12
C ILE A 346 -22.00 7.85 -36.04
N PRO A 347 -23.25 7.47 -36.26
CA PRO A 347 -24.12 8.24 -37.12
C PRO A 347 -24.40 9.65 -36.58
N THR B 22 -16.46 -11.56 43.40
CA THR B 22 -15.21 -11.98 44.10
C THR B 22 -14.33 -10.77 44.45
N GLU B 23 -13.31 -11.03 45.26
CA GLU B 23 -12.37 -9.99 45.68
C GLU B 23 -11.54 -9.47 44.50
N GLN B 24 -11.14 -10.36 43.59
CA GLN B 24 -10.34 -9.97 42.42
C GLN B 24 -11.12 -9.01 41.50
N GLU B 25 -12.41 -9.29 41.30
CA GLU B 25 -13.27 -8.45 40.47
C GLU B 25 -13.45 -7.06 41.09
N ASP B 26 -13.43 -7.00 42.43
CA ASP B 26 -13.55 -5.75 43.17
C ASP B 26 -12.31 -4.89 42.98
N VAL B 27 -11.13 -5.49 43.04
CA VAL B 27 -9.88 -4.78 42.87
C VAL B 27 -9.75 -4.33 41.40
N LEU B 28 -10.20 -5.17 40.46
CA LEU B 28 -10.19 -4.81 39.03
C LEU B 28 -11.08 -3.58 38.83
N ALA B 29 -12.27 -3.59 39.40
CA ALA B 29 -13.20 -2.47 39.26
C ALA B 29 -12.59 -1.18 39.82
N LYS B 30 -11.85 -1.30 40.92
CA LYS B 30 -11.19 -0.16 41.57
C LYS B 30 -10.17 0.48 40.64
N GLU B 31 -9.32 -0.36 40.05
CA GLU B 31 -8.29 0.12 39.17
C GLU B 31 -8.91 0.77 37.93
N LEU B 32 -10.06 0.26 37.47
CA LEU B 32 -10.72 0.78 36.27
C LEU B 32 -11.37 2.15 36.49
N GLU B 33 -11.49 2.58 37.75
CA GLU B 33 -12.01 3.91 38.05
C GLU B 33 -11.10 5.00 37.48
N ASP B 34 -9.83 4.67 37.20
CA ASP B 34 -8.85 5.62 36.64
C ASP B 34 -8.79 5.62 35.11
N VAL B 35 -9.81 5.06 34.44
CA VAL B 35 -9.78 4.92 32.96
C VAL B 35 -9.67 6.27 32.22
N ASN B 36 -10.12 7.36 32.85
CA ASN B 36 -10.03 8.70 32.25
C ASN B 36 -8.73 9.44 32.59
N LYS B 37 -7.79 8.77 33.23
CA LYS B 37 -6.56 9.42 33.67
C LYS B 37 -5.30 8.92 32.99
N TRP B 38 -4.40 9.85 32.74
CA TRP B 38 -3.09 9.51 32.18
C TRP B 38 -2.33 8.85 33.31
N GLY B 39 -1.79 7.66 33.07
CA GLY B 39 -1.08 6.93 34.11
C GLY B 39 -1.83 5.75 34.73
N LEU B 40 -2.92 5.34 34.10
CA LEU B 40 -3.67 4.15 34.53
C LEU B 40 -2.72 2.99 34.77
N HIS B 41 -3.00 2.16 35.78
CA HIS B 41 -2.18 1.00 36.12
C HIS B 41 -2.50 -0.17 35.18
N VAL B 42 -2.10 -0.04 33.93
CA VAL B 42 -2.48 -1.00 32.88
C VAL B 42 -1.92 -2.41 33.11
N PHE B 43 -0.72 -2.54 33.69
CA PHE B 43 -0.16 -3.88 33.96
C PHE B 43 -0.93 -4.60 35.07
N ARG B 44 -1.37 -3.85 36.08
CA ARG B 44 -2.18 -4.42 37.13
C ARG B 44 -3.51 -4.88 36.56
N ILE B 45 -4.11 -4.07 35.69
CA ILE B 45 -5.38 -4.40 35.04
C ILE B 45 -5.23 -5.68 34.20
N ALA B 46 -4.09 -5.83 33.53
CA ALA B 46 -3.82 -7.03 32.75
C ALA B 46 -3.86 -8.28 33.63
N GLU B 47 -3.20 -8.21 34.80
CA GLU B 47 -3.18 -9.34 35.72
C GLU B 47 -4.56 -9.60 36.36
N LEU B 48 -5.20 -8.56 36.87
CA LEU B 48 -6.48 -8.68 37.57
C LEU B 48 -7.64 -9.14 36.69
N SER B 49 -7.53 -8.88 35.39
CA SER B 49 -8.57 -9.29 34.44
C SER B 49 -8.31 -10.68 33.84
N GLY B 50 -7.28 -11.38 34.30
CA GLY B 50 -6.96 -12.70 33.75
C GLY B 50 -6.43 -12.60 32.32
N ASN B 51 -5.53 -11.64 32.12
CA ASN B 51 -4.92 -11.35 30.83
C ASN B 51 -5.92 -10.91 29.77
N ARG B 52 -6.90 -10.11 30.20
CA ARG B 52 -7.85 -9.51 29.28
C ARG B 52 -7.87 -7.98 29.39
N PRO B 53 -6.70 -7.32 29.41
CA PRO B 53 -6.74 -5.85 29.52
C PRO B 53 -7.41 -5.15 28.34
N LEU B 54 -7.23 -5.64 27.11
CA LEU B 54 -7.83 -4.99 25.94
C LEU B 54 -9.36 -5.09 26.00
N THR B 55 -9.87 -6.27 26.37
CA THR B 55 -11.30 -6.47 26.45
C THR B 55 -11.96 -5.59 27.55
N VAL B 56 -11.40 -5.60 28.75
CA VAL B 56 -12.00 -4.83 29.85
C VAL B 56 -11.87 -3.31 29.68
N ILE B 57 -10.75 -2.85 29.17
CA ILE B 57 -10.56 -1.42 28.96
C ILE B 57 -11.46 -0.94 27.82
N MET B 58 -11.55 -1.70 26.73
CA MET B 58 -12.44 -1.29 25.63
C MET B 58 -13.90 -1.27 26.08
N HIS B 59 -14.33 -2.30 26.80
CA HIS B 59 -15.73 -2.38 27.28
C HIS B 59 -16.02 -1.17 28.19
N THR B 60 -15.10 -0.88 29.10
CA THR B 60 -15.25 0.25 30.01
C THR B 60 -15.35 1.58 29.25
N ILE B 61 -14.50 1.80 28.27
CA ILE B 61 -14.52 3.04 27.49
C ILE B 61 -15.77 3.16 26.62
N PHE B 62 -16.23 2.04 26.07
CA PHE B 62 -17.47 2.06 25.26
C PHE B 62 -18.65 2.44 26.15
N GLN B 63 -18.65 1.94 27.39
CA GLN B 63 -19.72 2.26 28.33
C GLN B 63 -19.64 3.72 28.76
N GLU B 64 -18.42 4.20 29.04
CA GLU B 64 -18.18 5.57 29.49
C GLU B 64 -18.63 6.60 28.43
N ARG B 65 -18.43 6.27 27.16
CA ARG B 65 -18.79 7.16 26.04
C ARG B 65 -20.18 6.86 25.47
N ASP B 66 -20.89 5.90 26.06
CA ASP B 66 -22.25 5.51 25.62
C ASP B 66 -22.29 5.06 24.14
N LEU B 67 -21.20 4.44 23.68
CA LEU B 67 -21.08 3.96 22.29
C LEU B 67 -21.96 2.75 21.97
N LEU B 68 -22.24 1.91 22.97
CA LEU B 68 -23.15 0.77 22.74
C LEU B 68 -24.56 1.26 22.37
N LYS B 69 -25.10 2.21 23.12
CA LYS B 69 -26.43 2.74 22.81
C LYS B 69 -26.41 3.54 21.52
N THR B 70 -25.40 4.37 21.33
CA THR B 70 -25.32 5.23 20.15
C THR B 70 -25.30 4.45 18.84
N PHE B 71 -24.52 3.37 18.80
CA PHE B 71 -24.34 2.57 17.59
C PHE B 71 -25.08 1.22 17.63
N LYS B 72 -25.98 1.06 18.60
CA LYS B 72 -26.78 -0.15 18.77
C LYS B 72 -25.92 -1.43 18.73
N ILE B 73 -24.83 -1.42 19.49
CA ILE B 73 -23.93 -2.56 19.56
C ILE B 73 -24.38 -3.51 20.65
N PRO B 74 -24.75 -4.75 20.32
CA PRO B 74 -25.15 -5.71 21.35
C PRO B 74 -23.96 -5.99 22.26
N VAL B 75 -24.15 -5.98 23.57
CA VAL B 75 -23.05 -6.18 24.52
C VAL B 75 -22.33 -7.51 24.31
N ASP B 76 -23.07 -8.60 24.11
CA ASP B 76 -22.42 -9.90 23.86
C ASP B 76 -21.56 -9.89 22.58
N THR B 77 -22.01 -9.15 21.56
CA THR B 77 -21.25 -9.03 20.31
C THR B 77 -19.94 -8.28 20.54
N LEU B 78 -19.99 -7.22 21.33
CA LEU B 78 -18.82 -6.44 21.64
C LEU B 78 -17.79 -7.32 22.38
N ILE B 79 -18.25 -8.04 23.39
CA ILE B 79 -17.35 -8.88 24.18
C ILE B 79 -16.77 -10.01 23.34
N THR B 80 -17.59 -10.64 22.50
CA THR B 80 -17.13 -11.72 21.63
C THR B 80 -16.05 -11.21 20.68
N TYR B 81 -16.28 -10.07 20.03
CA TYR B 81 -15.28 -9.50 19.11
C TYR B 81 -13.97 -9.13 19.86
N LEU B 82 -14.11 -8.45 20.99
CA LEU B 82 -12.94 -8.00 21.75
C LEU B 82 -12.08 -9.17 22.21
N MET B 83 -12.70 -10.25 22.68
CA MET B 83 -11.91 -11.40 23.15
C MET B 83 -11.21 -12.09 21.98
N THR B 84 -11.88 -12.13 20.84
CA THR B 84 -11.35 -12.71 19.62
C THR B 84 -10.16 -11.87 19.16
N LEU B 85 -10.36 -10.55 19.12
CA LEU B 85 -9.27 -9.62 18.76
C LEU B 85 -8.05 -9.79 19.68
N GLU B 86 -8.31 -9.77 20.99
CA GLU B 86 -7.26 -9.92 22.00
C GLU B 86 -6.47 -11.24 21.84
N ASP B 87 -7.17 -12.33 21.53
CA ASP B 87 -6.53 -13.63 21.27
C ASP B 87 -5.54 -13.60 20.10
N HIS B 88 -5.72 -12.66 19.15
CA HIS B 88 -4.83 -12.52 18.00
C HIS B 88 -3.59 -11.66 18.24
N TYR B 89 -3.45 -11.08 19.43
CA TYR B 89 -2.18 -10.51 19.87
C TYR B 89 -1.37 -11.71 20.42
N HIS B 90 -0.06 -11.68 20.26
CA HIS B 90 0.79 -12.79 20.67
C HIS B 90 1.20 -12.70 22.15
N ALA B 91 1.01 -13.81 22.85
CA ALA B 91 1.34 -13.92 24.28
C ALA B 91 2.85 -13.89 24.54
N ASP B 92 3.64 -14.30 23.57
CA ASP B 92 5.10 -14.37 23.73
C ASP B 92 5.92 -13.21 23.11
N VAL B 93 5.25 -12.14 22.72
CA VAL B 93 5.92 -10.95 22.21
C VAL B 93 5.93 -10.00 23.42
N ALA B 94 7.10 -9.51 23.83
CA ALA B 94 7.23 -8.75 25.09
C ALA B 94 6.60 -7.36 25.10
N TYR B 95 6.62 -6.69 23.97
CA TYR B 95 6.07 -5.33 23.89
C TYR B 95 4.79 -5.25 23.05
N HIS B 96 4.85 -5.69 21.79
CA HIS B 96 3.71 -5.55 20.86
C HIS B 96 2.64 -6.61 21.09
N ASN B 97 2.00 -6.52 22.25
CA ASN B 97 1.00 -7.49 22.67
C ASN B 97 -0.30 -6.79 23.09
N ASN B 98 -1.21 -7.56 23.67
CA ASN B 98 -2.50 -7.04 24.11
C ASN B 98 -2.44 -5.92 25.16
N ILE B 99 -1.41 -5.91 25.99
CA ILE B 99 -1.24 -4.84 26.98
C ILE B 99 -0.92 -3.52 26.28
N HIS B 100 -0.05 -3.54 25.26
CA HIS B 100 0.28 -2.34 24.46
C HIS B 100 -1.00 -1.85 23.75
N ALA B 101 -1.78 -2.78 23.18
CA ALA B 101 -3.02 -2.41 22.48
C ALA B 101 -3.97 -1.70 23.48
N ALA B 102 -4.09 -2.27 24.67
CA ALA B 102 -4.97 -1.68 25.70
C ALA B 102 -4.50 -0.29 26.10
N ASP B 103 -3.18 -0.14 26.22
CA ASP B 103 -2.59 1.13 26.60
C ASP B 103 -2.78 2.21 25.53
N VAL B 104 -2.63 1.86 24.25
CA VAL B 104 -2.85 2.83 23.18
C VAL B 104 -4.35 3.22 23.11
N VAL B 105 -5.24 2.25 23.28
CA VAL B 105 -6.69 2.52 23.35
C VAL B 105 -6.98 3.54 24.46
N GLN B 106 -6.47 3.28 25.66
CA GLN B 106 -6.79 4.16 26.80
C GLN B 106 -6.17 5.54 26.64
N SER B 107 -4.96 5.59 26.08
CA SER B 107 -4.26 6.86 25.89
C SER B 107 -5.01 7.72 24.85
N THR B 108 -5.39 7.11 23.72
CA THR B 108 -6.26 7.77 22.73
C THR B 108 -7.55 8.29 23.39
N HIS B 109 -8.21 7.46 24.20
CA HIS B 109 -9.42 7.84 24.94
C HIS B 109 -9.20 9.13 25.77
N VAL B 110 -8.07 9.25 26.45
CA VAL B 110 -7.77 10.47 27.22
C VAL B 110 -7.51 11.68 26.30
N LEU B 111 -6.76 11.48 25.21
CA LEU B 111 -6.45 12.55 24.28
C LEU B 111 -7.73 13.07 23.61
N LEU B 112 -8.67 12.17 23.36
CA LEU B 112 -9.94 12.59 22.74
C LEU B 112 -10.74 13.49 23.66
N SER B 113 -10.53 13.37 24.97
CA SER B 113 -11.25 14.19 25.96
C SER B 113 -10.59 15.55 26.25
N THR B 114 -9.52 15.89 25.57
CA THR B 114 -8.84 17.16 25.86
C THR B 114 -9.78 18.35 25.65
N PRO B 115 -9.82 19.31 26.58
CA PRO B 115 -10.71 20.46 26.44
C PRO B 115 -10.66 21.20 25.09
N ALA B 116 -9.47 21.37 24.51
CA ALA B 116 -9.30 22.04 23.22
C ALA B 116 -10.02 21.34 22.07
N LEU B 117 -10.40 20.08 22.25
CA LEU B 117 -11.13 19.32 21.23
C LEU B 117 -12.58 19.03 21.58
N GLU B 118 -13.11 19.68 22.62
CA GLU B 118 -14.49 19.42 23.04
C GLU B 118 -15.47 19.71 21.90
N ALA B 119 -16.34 18.73 21.65
CA ALA B 119 -17.37 18.77 20.60
C ALA B 119 -16.83 18.85 19.15
N VAL B 120 -15.54 18.64 18.94
CA VAL B 120 -14.96 18.77 17.61
C VAL B 120 -15.24 17.56 16.71
N PHE B 121 -15.12 16.36 17.28
CA PHE B 121 -15.31 15.12 16.53
C PHE B 121 -16.70 14.49 16.68
N THR B 122 -17.16 13.84 15.62
CA THR B 122 -18.45 13.15 15.64
C THR B 122 -18.31 11.84 16.38
N ASP B 123 -19.44 11.26 16.74
CA ASP B 123 -19.46 9.97 17.40
C ASP B 123 -18.80 8.90 16.52
N LEU B 124 -19.01 8.98 15.20
CA LEU B 124 -18.38 8.04 14.27
C LEU B 124 -16.85 8.21 14.21
N GLU B 125 -16.37 9.44 14.27
CA GLU B 125 -14.92 9.71 14.28
C GLU B 125 -14.27 9.18 15.57
N ILE B 126 -14.97 9.36 16.70
CA ILE B 126 -14.52 8.88 18.00
C ILE B 126 -14.43 7.35 17.99
N LEU B 127 -15.47 6.71 17.48
CA LEU B 127 -15.49 5.26 17.34
C LEU B 127 -14.32 4.75 16.49
N ALA B 128 -14.06 5.44 15.38
CA ALA B 128 -12.99 5.09 14.45
C ALA B 128 -11.62 5.15 15.11
N ALA B 129 -11.36 6.22 15.85
CA ALA B 129 -10.06 6.40 16.51
C ALA B 129 -9.82 5.31 17.60
N ILE B 130 -10.84 4.98 18.36
CA ILE B 130 -10.74 4.00 19.43
C ILE B 130 -10.60 2.57 18.85
N PHE B 131 -11.43 2.25 17.85
CA PHE B 131 -11.34 0.94 17.17
C PHE B 131 -9.97 0.77 16.49
N ALA B 132 -9.49 1.83 15.83
CA ALA B 132 -8.18 1.83 15.15
C ALA B 132 -7.10 1.54 16.18
N SER B 133 -7.18 2.19 17.34
CA SER B 133 -6.21 1.93 18.42
C SER B 133 -6.22 0.47 18.88
N ALA B 134 -7.40 -0.11 19.02
CA ALA B 134 -7.50 -1.49 19.49
C ALA B 134 -6.88 -2.50 18.56
N ILE B 135 -7.05 -2.29 17.26
CA ILE B 135 -6.54 -3.26 16.27
C ILE B 135 -5.17 -2.92 15.74
N HIS B 136 -4.61 -1.79 16.14
CA HIS B 136 -3.44 -1.26 15.43
C HIS B 136 -2.16 -2.07 15.33
N ASP B 137 -1.96 -3.03 16.25
CA ASP B 137 -0.79 -3.90 16.20
C ASP B 137 -1.19 -5.39 16.25
N VAL B 138 -2.43 -5.73 15.90
CA VAL B 138 -2.87 -7.12 16.04
C VAL B 138 -2.05 -8.10 15.19
N ASP B 139 -1.71 -9.27 15.79
CA ASP B 139 -0.94 -10.33 15.13
C ASP B 139 0.52 -9.88 14.84
N HIS B 140 1.02 -8.91 15.61
CA HIS B 140 2.41 -8.46 15.47
C HIS B 140 3.35 -9.62 15.84
N PRO B 141 4.32 -9.95 14.98
CA PRO B 141 5.26 -11.06 15.25
C PRO B 141 6.48 -10.73 16.12
N GLY B 142 6.63 -9.48 16.51
CA GLY B 142 7.73 -9.05 17.36
C GLY B 142 9.02 -8.69 16.61
N VAL B 143 8.90 -8.45 15.31
CA VAL B 143 10.03 -8.00 14.48
C VAL B 143 9.54 -6.85 13.60
N SER B 144 10.47 -5.99 13.19
CA SER B 144 10.18 -4.77 12.45
C SER B 144 9.88 -5.00 10.98
N ASN B 145 9.32 -3.97 10.34
CA ASN B 145 9.09 -4.00 8.91
C ASN B 145 10.39 -4.27 8.15
N GLN B 146 11.48 -3.61 8.55
CA GLN B 146 12.78 -3.80 7.88
C GLN B 146 13.27 -5.24 7.98
N PHE B 147 13.09 -5.87 9.15
CA PHE B 147 13.45 -7.27 9.32
C PHE B 147 12.64 -8.16 8.38
N LEU B 148 11.33 -7.92 8.31
CA LEU B 148 10.45 -8.70 7.42
C LEU B 148 10.84 -8.50 5.95
N ILE B 149 11.23 -7.29 5.59
CA ILE B 149 11.66 -7.00 4.23
C ILE B 149 12.99 -7.69 3.93
N ASN B 150 13.95 -7.55 4.84
CA ASN B 150 15.31 -8.10 4.66
C ASN B 150 15.38 -9.62 4.63
N THR B 151 14.41 -10.27 5.26
CA THR B 151 14.38 -11.73 5.31
C THR B 151 13.46 -12.33 4.26
N ASN B 152 12.95 -11.52 3.35
CA ASN B 152 12.07 -12.00 2.28
C ASN B 152 10.87 -12.78 2.82
N SER B 153 10.29 -12.24 3.89
CA SER B 153 9.16 -12.87 4.58
C SER B 153 7.88 -12.92 3.75
N GLU B 154 7.01 -13.86 4.10
CA GLU B 154 5.70 -13.94 3.47
C GLU B 154 4.93 -12.63 3.57
N LEU B 155 4.99 -11.97 4.72
CA LEU B 155 4.28 -10.70 4.89
C LEU B 155 4.79 -9.62 3.93
N ALA B 156 6.11 -9.49 3.83
CA ALA B 156 6.73 -8.49 2.94
C ALA B 156 6.43 -8.80 1.47
N LEU B 157 6.35 -10.09 1.12
CA LEU B 157 6.02 -10.51 -0.24
C LEU B 157 4.55 -10.17 -0.54
N MET B 158 3.67 -10.36 0.43
CA MET B 158 2.26 -10.04 0.26
C MET B 158 2.06 -8.55 0.04
N TYR B 159 2.77 -7.74 0.81
CA TYR B 159 2.55 -6.30 0.85
C TYR B 159 3.57 -5.41 0.13
N ASN B 160 4.43 -6.01 -0.65
CA ASN B 160 5.36 -5.25 -1.50
C ASN B 160 6.18 -4.22 -0.75
N ASP B 161 6.66 -4.66 0.41
CA ASP B 161 7.56 -3.89 1.28
C ASP B 161 7.01 -2.55 1.76
N SER B 162 5.71 -2.33 1.59
CA SER B 162 5.10 -1.04 1.90
C SER B 162 4.15 -1.14 3.11
N SER B 163 4.49 -0.46 4.21
CA SER B 163 3.69 -0.52 5.46
C SER B 163 3.25 -1.97 5.69
N VAL B 164 4.22 -2.87 5.70
CA VAL B 164 3.94 -4.31 5.75
C VAL B 164 3.09 -4.70 6.95
N LEU B 165 3.60 -4.41 8.14
CA LEU B 165 2.86 -4.75 9.35
C LEU B 165 1.52 -4.05 9.46
N GLU B 166 1.49 -2.76 9.14
CA GLU B 166 0.30 -1.93 9.35
C GLU B 166 -0.85 -2.40 8.43
N ASN B 167 -0.52 -2.81 7.21
CA ASN B 167 -1.51 -3.35 6.29
C ASN B 167 -2.08 -4.64 6.87
N HIS B 168 -1.21 -5.46 7.44
CA HIS B 168 -1.61 -6.73 8.04
C HIS B 168 -2.50 -6.55 9.28
N HIS B 169 -2.14 -5.59 10.14
CA HIS B 169 -2.92 -5.33 11.34
C HIS B 169 -4.36 -4.96 10.93
N LEU B 170 -4.48 -4.10 9.94
CA LEU B 170 -5.80 -3.73 9.41
C LEU B 170 -6.56 -4.93 8.87
N ALA B 171 -5.92 -5.73 8.03
CA ALA B 171 -6.59 -6.88 7.41
C ALA B 171 -7.13 -7.83 8.47
N VAL B 172 -6.32 -8.13 9.50
CA VAL B 172 -6.75 -9.04 10.56
C VAL B 172 -7.89 -8.41 11.41
N GLY B 173 -7.73 -7.14 11.79
CA GLY B 173 -8.73 -6.49 12.61
C GLY B 173 -10.10 -6.44 11.95
N PHE B 174 -10.11 -6.21 10.64
CA PHE B 174 -11.37 -6.19 9.89
C PHE B 174 -11.89 -7.60 9.65
N LYS B 175 -11.00 -8.53 9.33
CA LYS B 175 -11.43 -9.92 9.06
C LYS B 175 -12.13 -10.56 10.25
N LEU B 176 -11.69 -10.23 11.45
CA LEU B 176 -12.27 -10.82 12.65
C LEU B 176 -13.72 -10.39 12.91
N LEU B 177 -14.17 -9.28 12.30
CA LEU B 177 -15.55 -8.84 12.41
C LEU B 177 -16.53 -9.85 11.78
N GLN B 178 -16.02 -10.68 10.87
CA GLN B 178 -16.80 -11.68 10.16
C GLN B 178 -17.02 -12.98 10.91
N GLU B 179 -16.35 -13.16 12.05
CA GLU B 179 -16.55 -14.37 12.86
C GLU B 179 -17.94 -14.33 13.50
N GLU B 180 -18.44 -15.49 13.93
CA GLU B 180 -19.78 -15.57 14.51
C GLU B 180 -19.95 -14.66 15.71
N ASN B 181 -21.00 -13.84 15.65
CA ASN B 181 -21.35 -12.87 16.68
C ASN B 181 -20.24 -11.86 16.98
N CYS B 182 -19.52 -11.45 15.95
CA CYS B 182 -18.42 -10.50 16.10
C CYS B 182 -18.62 -9.18 15.37
N ASP B 183 -19.71 -9.00 14.61
CA ASP B 183 -19.82 -7.78 13.84
C ASP B 183 -20.40 -6.66 14.70
N ILE B 184 -19.50 -5.90 15.32
CA ILE B 184 -19.91 -4.82 16.22
C ILE B 184 -20.49 -3.62 15.47
N PHE B 185 -20.34 -3.60 14.14
CA PHE B 185 -20.87 -2.52 13.32
C PHE B 185 -22.13 -2.93 12.53
N GLN B 186 -22.75 -4.05 12.90
CA GLN B 186 -23.92 -4.57 12.20
C GLN B 186 -25.09 -3.59 12.07
N ASN B 187 -25.22 -2.66 13.01
CA ASN B 187 -26.33 -1.69 13.01
C ASN B 187 -25.98 -0.30 12.49
N LEU B 188 -24.75 -0.12 12.00
CA LEU B 188 -24.37 1.12 11.34
C LEU B 188 -24.97 1.05 9.93
N THR B 189 -25.25 2.20 9.35
CA THR B 189 -25.74 2.26 7.97
C THR B 189 -24.56 1.97 7.05
N LYS B 190 -24.88 1.69 5.79
CA LYS B 190 -23.86 1.43 4.77
C LYS B 190 -22.89 2.59 4.67
N LYS B 191 -23.43 3.81 4.66
CA LYS B 191 -22.59 5.00 4.54
C LYS B 191 -21.66 5.14 5.77
N GLN B 192 -22.19 4.84 6.95
CA GLN B 192 -21.41 4.92 8.18
C GLN B 192 -20.28 3.89 8.13
N ARG B 193 -20.60 2.68 7.68
CA ARG B 193 -19.59 1.62 7.60
C ARG B 193 -18.47 1.97 6.61
N GLN B 194 -18.85 2.54 5.45
CA GLN B 194 -17.89 2.95 4.45
C GLN B 194 -16.95 4.03 5.01
N SER B 195 -17.52 5.02 5.69
CA SER B 195 -16.77 6.12 6.28
C SER B 195 -15.84 5.61 7.37
N LEU B 196 -16.37 4.80 8.26
CA LEU B 196 -15.56 4.24 9.34
C LEU B 196 -14.37 3.43 8.83
N ARG B 197 -14.62 2.57 7.84
CA ARG B 197 -13.56 1.74 7.24
C ARG B 197 -12.42 2.61 6.72
N LYS B 198 -12.77 3.66 5.97
CA LYS B 198 -11.78 4.59 5.40
C LYS B 198 -10.95 5.30 6.48
N MET B 199 -11.63 5.78 7.51
CA MET B 199 -10.97 6.47 8.60
C MET B 199 -10.01 5.55 9.36
N VAL B 200 -10.43 4.33 9.62
CA VAL B 200 -9.61 3.36 10.38
C VAL B 200 -8.35 3.01 9.59
N ILE B 201 -8.51 2.81 8.27
CA ILE B 201 -7.37 2.52 7.42
C ILE B 201 -6.40 3.70 7.44
N ASP B 202 -6.92 4.92 7.26
CA ASP B 202 -6.06 6.10 7.28
C ASP B 202 -5.30 6.25 8.61
N ILE B 203 -5.95 5.93 9.72
CA ILE B 203 -5.33 6.03 11.05
C ILE B 203 -4.25 4.98 11.30
N VAL B 204 -4.57 3.70 11.08
CA VAL B 204 -3.59 2.65 11.32
C VAL B 204 -2.37 2.76 10.38
N LEU B 205 -2.58 3.15 9.12
CA LEU B 205 -1.44 3.26 8.21
C LEU B 205 -0.50 4.36 8.66
N ALA B 206 -1.04 5.37 9.34
CA ALA B 206 -0.24 6.47 9.84
C ALA B 206 0.63 6.12 11.08
N THR B 207 0.44 4.91 11.63
CA THR B 207 1.29 4.42 12.72
C THR B 207 2.61 3.83 12.25
N ASP B 208 2.78 3.64 10.94
CA ASP B 208 4.05 3.20 10.35
C ASP B 208 5.11 4.28 10.63
N MET B 209 6.19 3.92 11.31
CA MET B 209 7.21 4.91 11.69
C MET B 209 7.88 5.61 10.51
N SER B 210 7.88 4.98 9.33
CA SER B 210 8.44 5.61 8.14
C SER B 210 7.66 6.87 7.70
N LYS B 211 6.44 7.02 8.20
CA LYS B 211 5.58 8.17 7.91
C LYS B 211 5.67 9.29 8.95
N HIS B 212 6.41 9.06 10.02
CA HIS B 212 6.50 9.99 11.15
C HIS B 212 6.91 11.42 10.79
N MET B 213 7.98 11.57 10.02
CA MET B 213 8.46 12.92 9.70
C MET B 213 7.44 13.71 8.90
N ASN B 214 6.77 13.07 7.95
CA ASN B 214 5.76 13.77 7.14
C ASN B 214 4.50 14.10 7.97
N LEU B 215 4.10 13.18 8.84
CA LEU B 215 2.98 13.39 9.73
C LEU B 215 3.25 14.58 10.67
N LEU B 216 4.46 14.64 11.19
CA LEU B 216 4.87 15.71 12.09
C LEU B 216 4.94 17.06 11.36
N ALA B 217 5.45 17.07 10.13
CA ALA B 217 5.52 18.34 9.37
C ALA B 217 4.10 18.84 9.14
N ASP B 218 3.16 17.93 8.88
CA ASP B 218 1.78 18.33 8.68
C ASP B 218 1.09 18.83 9.95
N LEU B 219 1.43 18.25 11.09
CA LEU B 219 0.92 18.71 12.38
C LEU B 219 1.46 20.11 12.68
N LYS B 220 2.74 20.34 12.38
CA LYS B 220 3.35 21.66 12.63
C LYS B 220 2.66 22.76 11.80
N THR B 221 2.38 22.44 10.54
CA THR B 221 1.67 23.36 9.65
C THR B 221 0.28 23.66 10.22
N MET B 222 -0.40 22.64 10.75
CA MET B 222 -1.72 22.82 11.35
C MET B 222 -1.63 23.75 12.58
N VAL B 223 -0.57 23.60 13.37
CA VAL B 223 -0.36 24.49 14.53
C VAL B 223 -0.10 25.94 14.09
N GLU B 224 0.67 26.09 13.02
CA GLU B 224 1.03 27.41 12.51
C GLU B 224 -0.15 28.17 11.89
N THR B 225 -1.17 27.43 11.46
CA THR B 225 -2.36 28.02 10.81
C THR B 225 -3.63 27.79 11.61
N LYS B 226 -3.45 27.46 12.88
CA LYS B 226 -4.54 27.13 13.79
C LYS B 226 -5.58 28.25 13.93
N LYS B 227 -6.83 27.84 13.99
CA LYS B 227 -7.96 28.75 14.22
C LYS B 227 -8.80 28.17 15.36
N VAL B 228 -9.31 29.05 16.21
CA VAL B 228 -10.11 28.67 17.37
C VAL B 228 -11.50 29.32 17.34
N THR B 229 -12.47 28.66 17.98
CA THR B 229 -13.85 29.16 18.06
C THR B 229 -14.14 29.55 19.53
N SER B 230 -15.40 29.38 19.96
CA SER B 230 -15.85 29.65 21.34
C SER B 230 -14.90 29.16 22.44
N SER B 231 -14.52 30.06 23.36
CA SER B 231 -13.61 29.73 24.48
C SER B 231 -12.33 28.96 24.09
N GLY B 232 -12.02 28.95 22.79
CA GLY B 232 -10.83 28.31 22.27
C GLY B 232 -10.83 26.85 21.88
N VAL B 233 -11.90 26.30 21.30
CA VAL B 233 -11.82 24.90 20.83
C VAL B 233 -11.38 24.94 19.36
N LEU B 234 -10.61 23.95 18.95
CA LEU B 234 -10.08 23.88 17.60
C LEU B 234 -11.16 23.82 16.51
N LEU B 235 -10.93 24.60 15.45
CA LEU B 235 -11.79 24.63 14.27
C LEU B 235 -11.14 23.76 13.19
N LEU B 236 -11.81 22.66 12.83
CA LEU B 236 -11.37 21.75 11.78
C LEU B 236 -12.52 21.50 10.79
N ASP B 237 -12.57 22.25 9.69
CA ASP B 237 -13.70 22.20 8.74
C ASP B 237 -13.64 21.31 7.48
N ASN B 238 -12.72 20.38 7.39
CA ASN B 238 -12.68 19.45 6.25
C ASN B 238 -12.11 18.11 6.66
N TYR B 239 -12.40 17.06 5.91
CA TYR B 239 -11.90 15.73 6.27
C TYR B 239 -10.37 15.72 6.41
N SER B 240 -9.65 16.45 5.55
CA SER B 240 -8.20 16.41 5.61
C SER B 240 -7.64 16.85 6.96
N ASP B 241 -8.13 17.96 7.50
CA ASP B 241 -7.66 18.42 8.80
C ASP B 241 -8.08 17.47 9.93
N ARG B 242 -9.33 17.04 9.89
CA ARG B 242 -9.87 16.17 10.95
C ARG B 242 -9.12 14.86 11.02
N ILE B 243 -8.92 14.25 9.85
CA ILE B 243 -8.23 12.95 9.81
C ILE B 243 -6.75 13.11 10.20
N GLN B 244 -6.13 14.23 9.82
CA GLN B 244 -4.72 14.48 10.17
C GLN B 244 -4.58 14.57 11.68
N VAL B 245 -5.55 15.22 12.33
CA VAL B 245 -5.51 15.32 13.79
C VAL B 245 -5.66 13.94 14.43
N LEU B 246 -6.60 13.14 13.93
CA LEU B 246 -6.81 11.80 14.49
C LEU B 246 -5.59 10.89 14.26
N GLN B 247 -4.95 11.01 13.10
CA GLN B 247 -3.74 10.24 12.78
C GLN B 247 -2.63 10.59 13.76
N ASN B 248 -2.41 11.87 13.97
CA ASN B 248 -1.39 12.32 14.92
C ASN B 248 -1.75 11.97 16.36
N MET B 249 -3.04 11.98 16.68
CA MET B 249 -3.49 11.63 18.02
C MET B 249 -3.13 10.18 18.36
N VAL B 250 -3.46 9.27 17.45
CA VAL B 250 -3.19 7.86 17.67
C VAL B 250 -1.68 7.58 17.63
N HIS B 251 -0.94 8.32 16.81
CA HIS B 251 0.54 8.22 16.71
C HIS B 251 1.13 8.67 18.07
N CYS B 252 0.64 9.78 18.61
CA CYS B 252 1.08 10.24 19.94
C CYS B 252 0.80 9.17 20.99
N ALA B 253 -0.38 8.56 20.96
CA ALA B 253 -0.72 7.51 21.92
C ALA B 253 0.23 6.29 21.79
N ASP B 254 0.55 5.93 20.57
CA ASP B 254 1.49 4.84 20.27
C ASP B 254 2.88 5.16 20.85
N LEU B 255 3.27 6.43 20.79
CA LEU B 255 4.58 6.88 21.28
C LEU B 255 4.44 7.59 22.63
N SER B 256 3.50 7.16 23.44
CA SER B 256 3.24 7.81 24.73
C SER B 256 4.01 7.26 25.93
N ASN B 257 4.67 6.11 25.78
CA ASN B 257 5.34 5.50 26.95
C ASN B 257 6.29 6.45 27.74
N PRO B 258 7.18 7.21 27.07
CA PRO B 258 8.07 8.11 27.79
C PRO B 258 7.38 9.31 28.49
N THR B 259 6.07 9.53 28.25
CA THR B 259 5.31 10.61 28.88
C THR B 259 4.55 10.13 30.11
N LYS B 260 4.61 8.83 30.41
CA LYS B 260 3.90 8.24 31.55
C LYS B 260 4.74 8.26 32.81
N PRO B 261 4.12 8.13 33.98
CA PRO B 261 4.87 8.03 35.25
C PRO B 261 6.00 7.01 35.09
N LEU B 262 7.15 7.32 35.70
CA LEU B 262 8.38 6.55 35.51
C LEU B 262 8.25 5.07 35.72
N GLN B 263 7.46 4.64 36.70
CA GLN B 263 7.35 3.19 36.95
C GLN B 263 6.71 2.45 35.76
N LEU B 264 5.78 3.12 35.05
CA LEU B 264 5.19 2.57 33.84
C LEU B 264 6.20 2.62 32.69
N TYR B 265 6.83 3.79 32.47
CA TYR B 265 7.82 3.94 31.40
C TYR B 265 8.93 2.88 31.47
N ARG B 266 9.48 2.67 32.65
CA ARG B 266 10.58 1.72 32.79
C ARG B 266 10.12 0.30 32.45
N GLN B 267 8.87 -0.06 32.76
CA GLN B 267 8.39 -1.41 32.39
C GLN B 267 8.28 -1.53 30.86
N TRP B 268 7.81 -0.47 30.19
CA TRP B 268 7.72 -0.47 28.73
C TRP B 268 9.10 -0.58 28.12
N THR B 269 10.09 0.12 28.68
CA THR B 269 11.46 0.06 28.17
C THR B 269 12.02 -1.36 28.32
N ASP B 270 11.85 -1.95 29.49
CA ASP B 270 12.29 -3.33 29.71
C ASP B 270 11.72 -4.26 28.62
N ARG B 271 10.44 -4.09 28.30
CA ARG B 271 9.76 -4.94 27.33
C ARG B 271 10.22 -4.70 25.89
N ILE B 272 10.36 -3.44 25.46
CA ILE B 272 10.80 -3.22 24.06
C ILE B 272 12.24 -3.69 23.87
N MET B 273 13.06 -3.56 24.92
CA MET B 273 14.45 -4.02 24.80
C MET B 273 14.51 -5.54 24.67
N GLU B 274 13.68 -6.26 25.43
CA GLU B 274 13.61 -7.73 25.28
C GLU B 274 13.22 -8.11 23.85
N GLU B 275 12.19 -7.45 23.32
CA GLU B 275 11.71 -7.72 21.97
C GLU B 275 12.80 -7.42 20.95
N PHE B 276 13.44 -6.26 21.07
CA PHE B 276 14.54 -5.90 20.17
C PHE B 276 15.71 -6.90 20.22
N PHE B 277 16.12 -7.30 21.43
CA PHE B 277 17.23 -8.25 21.59
C PHE B 277 16.91 -9.61 20.96
N ARG B 278 15.66 -10.05 21.04
CA ARG B 278 15.23 -11.29 20.40
C ARG B 278 15.29 -11.16 18.87
N GLN B 279 14.96 -9.98 18.31
CA GLN B 279 15.10 -9.76 16.88
C GLN B 279 16.60 -9.80 16.51
N GLY B 280 17.44 -9.14 17.31
CA GLY B 280 18.88 -9.15 17.09
C GLY B 280 19.48 -10.54 17.13
N ASP B 281 18.94 -11.41 17.99
CA ASP B 281 19.41 -12.78 18.09
C ASP B 281 19.12 -13.53 16.77
N ARG B 282 17.95 -13.26 16.19
CA ARG B 282 17.56 -13.87 14.92
C ARG B 282 18.41 -13.34 13.78
N GLU B 283 18.74 -12.06 13.82
CA GLU B 283 19.60 -11.45 12.81
C GLU B 283 21.03 -12.03 12.91
N ARG B 284 21.52 -12.17 14.13
CA ARG B 284 22.86 -12.72 14.35
C ARG B 284 22.96 -14.15 13.81
N GLU B 285 21.96 -14.98 14.14
CA GLU B 285 21.89 -16.36 13.66
C GLU B 285 21.88 -16.47 12.13
N ARG B 286 21.28 -15.50 11.46
CA ARG B 286 21.19 -15.49 9.99
C ARG B 286 22.43 -14.88 9.31
N GLY B 287 23.37 -14.37 10.08
CA GLY B 287 24.57 -13.76 9.54
C GLY B 287 24.31 -12.35 9.04
N MET B 288 23.20 -11.74 9.49
CA MET B 288 22.85 -10.39 9.10
C MET B 288 23.49 -9.38 10.05
N GLU B 289 23.60 -8.13 9.58
CA GLU B 289 24.05 -7.05 10.43
C GLU B 289 22.93 -6.84 11.45
N ILE B 290 23.30 -6.58 12.71
CA ILE B 290 22.31 -6.38 13.76
C ILE B 290 21.74 -4.96 13.73
N SER B 291 20.43 -4.85 13.80
CA SER B 291 19.76 -3.56 13.74
C SER B 291 20.08 -2.74 14.98
N PRO B 292 20.00 -1.41 14.87
CA PRO B 292 20.23 -0.51 16.01
C PRO B 292 19.37 -0.91 17.23
N MET B 293 19.98 -0.91 18.41
CA MET B 293 19.32 -1.26 19.68
C MET B 293 18.97 -2.75 19.85
N CYS B 294 19.35 -3.60 18.89
CA CYS B 294 18.97 -5.02 18.94
C CYS B 294 20.09 -5.99 19.35
N ASP B 295 21.29 -5.46 19.58
CA ASP B 295 22.44 -6.26 20.00
C ASP B 295 22.61 -6.24 21.53
N LYS B 296 22.23 -7.34 22.18
CA LYS B 296 22.31 -7.45 23.65
C LYS B 296 23.76 -7.38 24.18
N HIS B 297 24.74 -7.59 23.29
CA HIS B 297 26.16 -7.54 23.65
C HIS B 297 26.79 -6.15 23.47
N ASN B 298 26.05 -5.24 22.84
CA ASN B 298 26.50 -3.88 22.57
C ASN B 298 25.32 -2.92 22.65
N ALA B 299 24.72 -2.83 23.82
CA ALA B 299 23.55 -1.97 24.00
C ALA B 299 23.85 -0.85 24.98
N SER B 300 23.17 0.28 24.77
CA SER B 300 23.21 1.43 25.66
C SER B 300 21.75 1.85 25.83
N VAL B 301 21.04 1.15 26.71
CA VAL B 301 19.62 1.35 26.89
C VAL B 301 19.27 2.80 27.27
N GLU B 302 20.04 3.35 28.19
CA GLU B 302 19.80 4.70 28.70
C GLU B 302 20.06 5.77 27.63
N LYS B 303 21.19 5.64 26.93
CA LYS B 303 21.52 6.54 25.82
C LYS B 303 20.48 6.46 24.71
N SER B 304 19.97 5.25 24.44
CA SER B 304 18.97 5.06 23.42
C SER B 304 17.61 5.71 23.78
N GLN B 305 17.26 5.73 25.07
CA GLN B 305 16.00 6.35 25.48
C GLN B 305 16.12 7.87 25.32
N VAL B 306 17.25 8.44 25.73
CA VAL B 306 17.48 9.88 25.59
C VAL B 306 17.41 10.26 24.09
N GLY B 307 18.04 9.46 23.23
CA GLY B 307 17.99 9.67 21.78
C GLY B 307 16.58 9.58 21.21
N PHE B 308 15.84 8.58 21.63
CA PHE B 308 14.44 8.34 21.20
C PHE B 308 13.59 9.56 21.58
N ILE B 309 13.72 10.04 22.80
CA ILE B 309 12.95 11.20 23.23
C ILE B 309 13.40 12.45 22.47
N ASP B 310 14.71 12.68 22.42
CA ASP B 310 15.23 13.89 21.78
C ASP B 310 14.88 14.03 20.30
N TYR B 311 15.00 12.94 19.54
CA TYR B 311 14.79 12.99 18.10
C TYR B 311 13.37 12.70 17.59
N ILE B 312 12.58 11.95 18.37
CA ILE B 312 11.26 11.52 17.94
C ILE B 312 10.12 11.93 18.88
N VAL B 313 10.21 11.53 20.14
CA VAL B 313 9.08 11.67 21.05
C VAL B 313 8.82 13.12 21.47
N HIS B 314 9.87 13.82 21.83
CA HIS B 314 9.73 15.21 22.28
C HIS B 314 9.28 16.15 21.13
N PRO B 315 9.93 16.09 19.97
CA PRO B 315 9.44 16.91 18.85
C PRO B 315 7.94 16.69 18.56
N LEU B 316 7.48 15.45 18.58
CA LEU B 316 6.07 15.12 18.36
C LEU B 316 5.16 15.66 19.47
N TRP B 317 5.47 15.36 20.73
CA TRP B 317 4.64 15.80 21.86
C TRP B 317 4.65 17.30 22.12
N GLU B 318 5.75 17.98 21.85
CA GLU B 318 5.81 19.43 21.98
C GLU B 318 4.85 20.05 20.96
N THR B 319 4.80 19.45 19.76
CA THR B 319 3.94 19.97 18.69
C THR B 319 2.47 19.71 19.05
N TRP B 320 2.16 18.53 19.57
CA TRP B 320 0.81 18.22 20.03
C TRP B 320 0.40 19.20 21.14
N ALA B 321 1.29 19.40 22.10
CA ALA B 321 1.05 20.31 23.21
C ALA B 321 0.74 21.74 22.70
N ASP B 322 1.42 22.16 21.63
CA ASP B 322 1.17 23.47 21.00
C ASP B 322 -0.23 23.53 20.39
N LEU B 323 -0.65 22.44 19.74
CA LEU B 323 -1.98 22.36 19.11
C LEU B 323 -3.10 22.53 20.14
N VAL B 324 -2.94 21.85 21.29
CA VAL B 324 -3.95 21.88 22.36
C VAL B 324 -3.61 22.72 23.59
N HIS B 325 -2.62 23.63 23.45
CA HIS B 325 -2.10 24.43 24.55
C HIS B 325 -3.19 25.14 25.36
N PRO B 326 -3.17 25.08 26.68
CA PRO B 326 -2.17 24.40 27.53
C PRO B 326 -2.57 23.02 28.09
N ASP B 327 -3.55 22.36 27.49
CA ASP B 327 -4.08 21.09 28.01
C ASP B 327 -3.07 19.98 28.33
N ALA B 328 -2.04 19.89 27.49
CA ALA B 328 -1.05 18.80 27.60
C ALA B 328 0.22 19.17 28.36
N GLN B 329 0.21 20.29 29.08
CA GLN B 329 1.41 20.73 29.77
C GLN B 329 1.98 19.71 30.76
N ASP B 330 1.09 19.03 31.49
CA ASP B 330 1.53 18.07 32.52
C ASP B 330 2.14 16.84 31.86
N ILE B 331 1.61 16.45 30.69
CA ILE B 331 2.17 15.31 29.95
C ILE B 331 3.56 15.68 29.45
N LEU B 332 3.71 16.89 28.92
CA LEU B 332 5.01 17.33 28.40
C LEU B 332 6.06 17.44 29.51
N ASP B 333 5.64 17.92 30.67
CA ASP B 333 6.53 18.06 31.83
C ASP B 333 7.02 16.70 32.29
N THR B 334 6.14 15.70 32.27
CA THR B 334 6.53 14.36 32.69
C THR B 334 7.56 13.82 31.73
N LEU B 335 7.30 14.00 30.43
CA LEU B 335 8.22 13.55 29.40
C LEU B 335 9.59 14.18 29.65
N GLU B 336 9.64 15.48 29.93
CA GLU B 336 10.90 16.16 30.15
C GLU B 336 11.61 15.66 31.42
N ASP B 337 10.86 15.39 32.47
CA ASP B 337 11.44 14.87 33.71
C ASP B 337 12.01 13.47 33.47
N ASN B 338 11.32 12.67 32.65
CA ASN B 338 11.77 11.29 32.38
C ASN B 338 13.03 11.30 31.54
N ARG B 339 13.10 12.25 30.60
CA ARG B 339 14.31 12.43 29.78
C ARG B 339 15.49 12.77 30.69
N GLU B 340 15.29 13.71 31.61
CA GLU B 340 16.35 14.12 32.55
C GLU B 340 16.78 12.95 33.45
N TRP B 341 15.84 12.11 33.88
CA TRP B 341 16.15 10.95 34.72
C TRP B 341 17.04 9.95 33.97
N TYR B 342 16.65 9.57 32.76
CA TYR B 342 17.46 8.62 31.98
C TYR B 342 18.86 9.18 31.71
N GLN B 343 18.91 10.46 31.39
CA GLN B 343 20.19 11.14 31.12
C GLN B 343 21.10 11.07 32.33
N SER B 344 20.52 11.32 33.51
CA SER B 344 21.25 11.32 34.78
C SER B 344 21.88 9.99 35.11
N THR B 345 21.37 8.90 34.54
CA THR B 345 21.94 7.58 34.80
C THR B 345 23.19 7.33 33.97
N ILE B 346 23.38 8.10 32.89
CA ILE B 346 24.57 7.99 32.06
C ILE B 346 25.74 8.59 32.86
N PRO B 347 26.65 7.74 33.31
CA PRO B 347 27.73 8.18 34.20
C PRO B 347 29.10 8.11 33.55
ZN ZN C . -2.66 -3.97 -18.09
MG MG D . -3.65 -3.68 -14.52
O3 4DE E . -11.79 0.63 -23.82
C2 4DE E . -10.65 0.48 -23.40
O4 4DE E . -9.55 0.29 -24.20
C5 4DE E . -9.24 -0.96 -24.84
C6 4DE E . -9.78 -0.97 -26.26
C1 4DE E . -10.30 0.59 -21.98
C7 4DE E . -9.27 -0.06 -21.22
C8 4DE E . -8.24 -1.06 -21.61
N9 4DE E . -9.33 0.33 -19.95
N10 4DE E . -10.34 1.23 -19.81
C12 4DE E . -10.95 1.41 -21.05
C13 4DE E . -12.11 2.31 -21.29
C11 4DE E . -10.58 1.81 -18.52
C14 4DE E . -9.75 2.88 -18.12
C15 4DE E . -9.92 3.49 -16.87
C16 4DE E . -10.91 3.05 -15.99
C19 4DE E . -11.74 1.98 -16.38
C20 4DE E . -11.57 1.37 -17.62
O17 4DE E . -11.16 3.58 -14.74
C18 4DE E . -10.43 2.99 -13.65
C1 EDO F . 8.78 -0.26 -1.98
O1 EDO F . 10.16 -0.33 -1.68
C2 EDO F . 8.59 0.45 -3.28
O2 EDO F . 8.90 1.83 -3.14
C1 EDO G . -11.24 2.05 -6.98
O1 EDO G . -11.01 2.14 -8.37
C2 EDO G . -10.00 2.44 -6.24
O2 EDO G . -8.90 1.71 -6.75
C1 EDO H . 15.44 12.72 -32.31
O1 EDO H . 15.69 11.60 -33.12
C2 EDO H . 15.53 12.33 -30.85
O2 EDO H . 15.08 13.40 -30.07
C1 EDO I . -6.65 -15.62 -23.92
O1 EDO I . -7.42 -15.51 -25.11
C2 EDO I . -5.38 -16.40 -24.18
O2 EDO I . -5.07 -17.13 -23.02
C1 EDO J . 8.31 7.10 -29.23
O1 EDO J . 8.64 6.93 -27.87
C2 EDO J . 9.18 6.22 -30.12
O2 EDO J . 8.63 4.93 -30.18
C1 EDO K . 14.92 -9.61 -7.06
O1 EDO K . 15.49 -10.67 -6.33
C2 EDO K . 13.42 -9.68 -6.91
O2 EDO K . 13.11 -9.74 -5.53
C1 EDO L . -14.90 -1.47 -15.69
O1 EDO L . -14.29 -1.07 -14.49
C2 EDO L . -15.08 -0.23 -16.52
O2 EDO L . -16.03 0.58 -15.88
C1 EDO M . -13.50 7.67 -20.63
O1 EDO M . -13.02 6.36 -20.47
C2 EDO M . -14.77 7.64 -21.45
O2 EDO M . -15.28 8.96 -21.52
C1 EDO N . -14.14 -5.58 1.74
O1 EDO N . -13.40 -6.71 1.43
C2 EDO N . -13.22 -4.40 1.62
O2 EDO N . -13.70 -3.55 0.63
C1 EDO O . -7.84 -14.06 -7.13
O1 EDO O . -9.24 -14.20 -7.27
C2 EDO O . -7.31 -13.39 -8.37
O2 EDO O . -7.78 -14.06 -9.52
C1 EDO P . -18.23 -1.35 -35.66
O1 EDO P . -18.74 -0.49 -36.64
C2 EDO P . -17.09 -0.64 -34.93
O2 EDO P . -17.13 -0.98 -33.56
C1 EDO Q . 23.13 5.56 -18.08
O1 EDO Q . 23.50 6.70 -18.84
C2 EDO Q . 24.17 4.50 -18.28
O2 EDO Q . 25.43 5.04 -17.95
ZN ZN R . 1.91 0.23 18.49
MG MG S . 2.64 -0.79 15.01
O3 4DE T . 12.63 2.69 22.89
C2 4DE T . 11.46 2.59 22.60
O4 4DE T . 10.42 2.53 23.51
C5 4DE T . 10.73 2.80 24.91
C6 4DE T . 9.61 2.38 25.83
C1 4DE T . 11.02 2.53 21.19
C7 4DE T . 9.75 2.21 20.64
C8 4DE T . 8.46 1.83 21.31
N9 4DE T . 9.80 2.28 19.32
N10 4DE T . 11.05 2.63 18.93
C12 4DE T . 11.84 2.80 20.08
C13 4DE T . 13.28 3.19 20.06
C11 4DE T . 11.33 2.79 17.53
C14 4DE T . 11.43 4.12 17.02
C15 4DE T . 11.69 4.37 15.67
C16 4DE T . 11.85 3.30 14.77
C19 4DE T . 11.75 2.00 15.26
C20 4DE T . 11.49 1.74 16.62
O17 4DE T . 12.11 3.38 13.39
C18 4DE T . 12.93 4.45 12.88
C1 EDO U . 18.67 2.79 34.50
O1 EDO U . 18.87 1.65 35.31
C2 EDO U . 17.52 2.49 33.57
O2 EDO U . 17.95 1.63 32.54
C1 EDO V . 14.16 -2.47 15.49
O1 EDO V . 13.42 -1.76 14.53
C2 EDO V . 15.02 -1.47 16.21
O2 EDO V . 15.98 -0.97 15.31
C1 EDO W . -16.96 -1.37 8.93
O1 EDO W . -18.09 -2.15 8.61
C2 EDO W . -15.73 -2.21 8.69
O2 EDO W . -15.62 -2.45 7.30
C1 EDO X . -8.70 3.65 1.47
O1 EDO X . -10.10 3.83 1.40
C2 EDO X . -8.14 4.44 2.63
O2 EDO X . -8.16 5.82 2.34
C1 EDO Y . -2.93 -12.79 24.19
O1 EDO Y . -3.64 -11.60 24.09
C2 EDO Y . -3.81 -13.83 23.55
O2 EDO Y . -3.00 -14.93 23.25
C1 EDO Z . 11.23 11.60 37.04
O1 EDO Z . 10.71 12.34 38.12
C2 EDO Z . 10.11 10.88 36.32
O2 EDO Z . 8.98 11.70 36.04
C1 EDO AA . 9.45 -11.13 20.59
O1 EDO AA . 9.40 -12.29 19.81
C2 EDO AA . 9.39 -11.55 22.03
O2 EDO AA . 9.66 -10.49 22.93
C1 EDO BA . 0.73 -11.36 26.69
O1 EDO BA . -0.59 -11.85 26.55
C2 EDO BA . 0.75 -10.15 27.59
O2 EDO BA . 0.30 -10.54 28.86
C1 EDO CA . 2.89 7.28 40.20
O1 EDO CA . 2.38 8.51 39.73
C2 EDO CA . 2.56 7.15 41.66
O2 EDO CA . 1.17 7.12 41.80
C1 EDO DA . 5.15 12.33 39.17
O1 EDO DA . 5.20 13.62 38.61
C2 EDO DA . 4.19 11.45 38.40
O2 EDO DA . 4.71 11.25 37.11
C1 EDO EA . -3.81 16.31 26.75
O1 EDO EA . -4.17 16.64 25.43
C2 EDO EA . -4.99 16.42 27.68
O2 EDO EA . -5.13 15.21 28.39
C1 EDO FA . -3.31 15.83 32.27
O1 EDO FA . -2.15 15.12 32.61
C2 EDO FA . -3.84 15.27 30.98
O2 EDO FA . -4.87 14.36 31.28
C1 B3P GA . -9.66 4.78 43.47
C2 B3P GA . -10.50 3.99 44.47
C3 B3P GA . -8.67 3.86 42.74
N1 B3P GA . -7.43 3.75 43.47
C4 B3P GA . -6.26 3.03 42.96
C5 B3P GA . -5.85 3.61 41.60
C6 B3P GA . -6.58 1.55 42.77
C7 B3P GA . -5.12 3.22 43.96
N2 B3P GA . -11.49 4.82 45.13
C8 B3P GA . -13.46 4.53 45.57
C9 B3P GA . -13.79 3.02 45.70
C10 B3P GA . -14.68 5.41 45.10
C11 B3P GA . -13.27 5.16 46.93
O1 B3P GA . -15.12 2.73 46.13
O2 B3P GA . -16.05 5.31 45.52
O3 B3P GA . -14.31 4.74 47.82
O4 B3P GA . -5.67 5.01 41.73
O5 B3P GA . -7.04 0.96 43.97
O6 B3P GA . -3.96 2.52 43.56
#